data_3JTR
#
_entry.id   3JTR
#
_cell.length_a   73.816
_cell.length_b   73.816
_cell.length_c   381.324
_cell.angle_alpha   90.000
_cell.angle_beta   90.000
_cell.angle_gamma   90.000
#
_symmetry.space_group_name_H-M   'P 41 21 2'
#
loop_
_entity.id
_entity.type
_entity.pdbx_description
1 polymer 'Glutaryl 7-aminocephalosporanic acid acylase'
2 polymer 'Glutaryl 7-aminocephalosporanic acid acylase'
3 non-polymer GLYCEROL
4 water water
#
loop_
_entity_poly.entity_id
_entity_poly.type
_entity_poly.pdbx_seq_one_letter_code
_entity_poly.pdbx_strand_id
1 'polypeptide(L)'
;EPTSTPQAPIAAYKPRSNEILWDGYGVPHIYGVDAPSAFYGYGWAQARSHGDNILRLYGEARGKGAEYWGPDYEQTTVWL
LTNGVPERAQQWYAQQSPDFRANLDAFAAGINAYAQQNPDDISPDVRQVLPVSGADVVAHAHRLMNFLYVASPGRTLGEG
DPPDLADPG
;
A
2 'polypeptide(L)'
;SNSWAVAPGKTANGNALLLQNPHLSWTTDYFTYYEAHLVTPDFEIYGATQIGLPVIRFAFNQRMGITNTVNGMVGATNYR
LTLQDGGYLYDGQVRPFERRQASYRLRQADGTTVDKPLEIRSSVHGPVFERADGTAVAVRVAGLDRPGMLEQYFDMITAD
SFDDYEAALARMQVPTFNIVYADREGTINYSFNGVAPKRAEGDIAFWQGLVPGDSSRYLWTETHPLDDLPRVTNPPGGFV
QNSNDPPWTPTWPVTYTPKDFPSYLAPQTPHSLRAQQSVRLMSENDDLTLERFMALQLSHRAVMADRTLPDLIPAALIDP
DPEVQAAARLLAAWDREFTSDSRAALLFEEWARLFAGQNFAGQAGFATPWSLDKPVSTPYGVRDPKAAVDQLRTAIANTK
RKYGAIDRPFGDASRMILNDVNVPGAAGYGNLGSFRVFTWSDPDENGVRTPVHGETWVAMIEFSTPVRAYGLMSYGNSRQ
PGTTHYSDQIERVSRADFRELLLRREQVEAAVQERTPFNFKPHHHHHH
;
B
#
loop_
_chem_comp.id
_chem_comp.type
_chem_comp.name
_chem_comp.formula
GOL non-polymer GLYCEROL 'C3 H8 O3'
#
# COMPACT_ATOMS: atom_id res chain seq x y z
N PRO A 6 -33.23 -13.27 13.17
CA PRO A 6 -31.86 -12.74 13.14
C PRO A 6 -31.27 -12.65 11.72
N GLN A 7 -31.63 -13.62 10.87
CA GLN A 7 -31.25 -13.69 9.42
C GLN A 7 -29.80 -14.12 9.14
N ALA A 8 -29.61 -15.41 8.90
CA ALA A 8 -28.28 -15.99 8.66
C ALA A 8 -27.74 -15.73 7.24
N PRO A 9 -26.40 -15.70 7.09
CA PRO A 9 -25.86 -15.48 5.74
C PRO A 9 -26.25 -16.66 4.90
N ILE A 10 -26.18 -16.51 3.58
CA ILE A 10 -26.48 -17.61 2.69
C ILE A 10 -25.58 -18.81 3.00
N ALA A 11 -26.01 -19.99 2.59
CA ALA A 11 -25.27 -21.24 2.86
C ALA A 11 -23.88 -21.14 2.25
N ALA A 12 -22.89 -21.61 2.97
CA ALA A 12 -21.55 -21.73 2.42
C ALA A 12 -21.58 -22.79 1.31
N TYR A 13 -20.58 -22.76 0.42
CA TYR A 13 -20.49 -23.79 -0.60
C TYR A 13 -19.58 -24.89 -0.04
N LYS A 14 -19.90 -26.16 -0.28
CA LYS A 14 -19.02 -27.24 0.18
C LYS A 14 -18.27 -27.86 -1.00
N PRO A 15 -17.02 -27.46 -1.20
CA PRO A 15 -16.28 -28.04 -2.34
C PRO A 15 -16.13 -29.55 -2.20
N ARG A 16 -16.56 -30.27 -3.23
CA ARG A 16 -16.41 -31.73 -3.25
C ARG A 16 -15.20 -32.22 -4.05
N SER A 17 -14.51 -31.31 -4.74
CA SER A 17 -13.25 -31.65 -5.39
C SER A 17 -12.35 -30.43 -5.48
N ASN A 18 -11.06 -30.65 -5.75
CA ASN A 18 -10.08 -29.58 -5.88
C ASN A 18 -9.97 -29.02 -7.30
N GLU A 19 -10.39 -27.77 -7.50
CA GLU A 19 -10.36 -27.17 -8.82
C GLU A 19 -10.19 -25.65 -8.79
N ILE A 20 -9.56 -25.10 -9.82
CA ILE A 20 -9.55 -23.66 -10.02
C ILE A 20 -10.48 -23.32 -11.19
N LEU A 21 -11.51 -22.53 -10.95
CA LEU A 21 -12.34 -22.04 -12.03
C LEU A 21 -11.89 -20.60 -12.32
N TRP A 22 -11.20 -20.40 -13.44
CA TRP A 22 -10.70 -19.08 -13.85
C TRP A 22 -11.74 -18.37 -14.72
N ASP A 23 -11.97 -17.09 -14.46
CA ASP A 23 -12.94 -16.34 -15.26
C ASP A 23 -12.24 -15.63 -16.42
N GLY A 24 -12.99 -14.81 -17.17
CA GLY A 24 -12.51 -14.13 -18.37
C GLY A 24 -11.35 -13.17 -18.16
N TYR A 25 -11.21 -12.65 -16.94
CA TYR A 25 -10.16 -11.66 -16.63
C TYR A 25 -8.94 -12.29 -15.98
N GLY A 26 -8.97 -13.62 -15.89
CA GLY A 26 -7.87 -14.37 -15.31
C GLY A 26 -7.86 -14.33 -13.80
N VAL A 27 -9.04 -14.18 -13.21
CA VAL A 27 -9.22 -14.26 -11.76
C VAL A 27 -9.48 -15.72 -11.36
N PRO A 28 -8.56 -16.34 -10.58
CA PRO A 28 -8.75 -17.72 -10.15
C PRO A 28 -9.73 -17.87 -8.98
N HIS A 29 -10.76 -18.69 -9.20
CA HIS A 29 -11.63 -19.11 -8.13
C HIS A 29 -11.18 -20.50 -7.68
N ILE A 30 -10.59 -20.54 -6.49
CA ILE A 30 -9.92 -21.74 -6.01
C ILE A 30 -10.78 -22.49 -5.00
N TYR A 31 -11.19 -23.70 -5.37
CA TYR A 31 -12.01 -24.57 -4.51
C TYR A 31 -11.16 -25.72 -4.01
N GLY A 32 -10.97 -25.81 -2.70
CA GLY A 32 -10.28 -26.94 -2.07
C GLY A 32 -11.20 -27.64 -1.10
N VAL A 33 -11.06 -28.97 -0.97
CA VAL A 33 -11.83 -29.75 0.04
C VAL A 33 -11.34 -29.53 1.49
N ASP A 34 -10.21 -28.85 1.64
CA ASP A 34 -9.69 -28.46 2.95
C ASP A 34 -8.66 -27.33 2.81
N ALA A 35 -8.21 -26.79 3.93
CA ALA A 35 -7.31 -25.64 3.92
C ALA A 35 -6.03 -25.84 3.09
N PRO A 36 -5.27 -26.93 3.33
CA PRO A 36 -4.06 -27.08 2.49
C PRO A 36 -4.33 -27.19 0.98
N SER A 37 -5.51 -27.69 0.60
CA SER A 37 -5.84 -27.79 -0.82
C SER A 37 -5.98 -26.38 -1.39
N ALA A 38 -6.79 -25.56 -0.74
CA ALA A 38 -7.03 -24.22 -1.23
C ALA A 38 -5.71 -23.43 -1.31
N PHE A 39 -4.84 -23.59 -0.32
CA PHE A 39 -3.56 -22.89 -0.33
C PHE A 39 -2.66 -23.34 -1.47
N TYR A 40 -2.65 -24.64 -1.73
CA TYR A 40 -1.93 -25.22 -2.87
C TYR A 40 -2.46 -24.61 -4.18
N GLY A 41 -3.79 -24.59 -4.30
CA GLY A 41 -4.46 -24.01 -5.46
C GLY A 41 -4.04 -22.58 -5.65
N TYR A 42 -3.96 -21.84 -4.54
CA TYR A 42 -3.58 -20.45 -4.52
C TYR A 42 -2.14 -20.22 -4.94
N GLY A 43 -1.21 -21.06 -4.49
CA GLY A 43 0.19 -21.00 -4.95
C GLY A 43 0.33 -21.37 -6.42
N TRP A 44 -0.44 -22.36 -6.86
CA TRP A 44 -0.51 -22.74 -8.27
C TRP A 44 -0.89 -21.51 -9.11
N ALA A 45 -1.98 -20.86 -8.70
CA ALA A 45 -2.57 -19.75 -9.44
C ALA A 45 -1.62 -18.56 -9.49
N GLN A 46 -1.03 -18.23 -8.33
CA GLN A 46 -0.08 -17.12 -8.28
C GLN A 46 1.14 -17.37 -9.16
N ALA A 47 1.59 -18.63 -9.22
CA ALA A 47 2.72 -18.96 -10.08
C ALA A 47 2.31 -18.87 -11.56
N ARG A 48 1.07 -19.27 -11.88
CA ARG A 48 0.56 -19.09 -13.22
C ARG A 48 0.65 -17.61 -13.61
N SER A 49 0.22 -16.73 -12.69
CA SER A 49 -0.03 -15.34 -13.02
C SER A 49 1.17 -14.44 -12.82
N HIS A 50 2.13 -14.86 -12.01
CA HIS A 50 3.18 -13.96 -11.53
C HIS A 50 4.45 -14.72 -11.14
N GLY A 51 4.53 -15.97 -11.55
CA GLY A 51 5.65 -16.84 -11.20
C GLY A 51 7.02 -16.23 -11.25
N ASP A 52 7.33 -15.54 -12.35
CA ASP A 52 8.67 -14.99 -12.54
C ASP A 52 9.07 -14.05 -11.41
N ASN A 53 8.20 -13.07 -11.12
CA ASN A 53 8.55 -12.07 -10.11
C ASN A 53 8.54 -12.62 -8.70
N ILE A 54 7.51 -13.42 -8.39
CA ILE A 54 7.41 -14.16 -7.13
C ILE A 54 8.71 -14.94 -6.87
N LEU A 55 9.14 -15.74 -7.85
CA LEU A 55 10.36 -16.52 -7.69
C LEU A 55 11.55 -15.60 -7.50
N ARG A 56 11.62 -14.52 -8.28
CA ARG A 56 12.71 -13.58 -8.09
C ARG A 56 12.70 -13.05 -6.65
N LEU A 57 11.54 -12.56 -6.21
CA LEU A 57 11.37 -12.04 -4.86
C LEU A 57 11.75 -13.04 -3.74
N TYR A 58 11.27 -14.27 -3.84
CA TYR A 58 11.67 -15.34 -2.92
C TYR A 58 13.15 -15.60 -2.94
N GLY A 59 13.77 -15.58 -4.11
CA GLY A 59 15.23 -15.72 -4.18
C GLY A 59 15.96 -14.63 -3.43
N GLU A 60 15.40 -13.43 -3.46
CA GLU A 60 15.99 -12.31 -2.77
C GLU A 60 15.87 -12.50 -1.27
N ALA A 61 14.73 -13.00 -0.84
CA ALA A 61 14.44 -13.15 0.57
C ALA A 61 15.23 -14.31 1.21
N ARG A 62 15.81 -15.22 0.40
CA ARG A 62 16.85 -16.16 0.89
C ARG A 62 18.18 -15.45 1.01
N GLY A 63 18.22 -14.17 0.72
CA GLY A 63 19.49 -13.48 0.72
C GLY A 63 20.39 -13.95 -0.39
N LYS A 64 19.82 -14.48 -1.47
CA LYS A 64 20.61 -15.02 -2.58
C LYS A 64 20.52 -14.20 -3.87
N GLY A 65 19.97 -12.99 -3.77
CA GLY A 65 19.89 -12.08 -4.89
C GLY A 65 21.22 -11.93 -5.60
N ALA A 66 22.24 -11.56 -4.85
CA ALA A 66 23.57 -11.34 -5.41
C ALA A 66 24.11 -12.58 -6.10
N GLU A 67 23.73 -13.76 -5.59
CA GLU A 67 24.31 -15.00 -6.07
C GLU A 67 23.63 -15.42 -7.37
N TYR A 68 22.31 -15.34 -7.38
CA TYR A 68 21.55 -15.63 -8.59
C TYR A 68 21.74 -14.61 -9.72
N TRP A 69 21.64 -13.31 -9.40
CA TRP A 69 21.50 -12.29 -10.43
C TRP A 69 22.53 -11.16 -10.43
N GLY A 70 23.54 -11.25 -9.57
CA GLY A 70 24.68 -10.31 -9.62
C GLY A 70 24.47 -8.94 -8.98
N PRO A 71 25.38 -7.98 -9.27
CA PRO A 71 25.55 -6.66 -8.61
C PRO A 71 24.31 -5.79 -8.39
N ASP A 72 23.31 -5.89 -9.26
CA ASP A 72 22.10 -5.08 -9.11
C ASP A 72 21.25 -5.60 -7.97
N TYR A 73 21.62 -6.77 -7.47
CA TYR A 73 20.88 -7.40 -6.40
C TYR A 73 21.64 -7.44 -5.06
N GLU A 74 22.90 -7.00 -5.11
CA GLU A 74 23.84 -7.08 -4.00
C GLU A 74 23.50 -6.23 -2.77
N GLN A 75 22.92 -5.04 -2.96
CA GLN A 75 22.64 -4.16 -1.83
C GLN A 75 21.47 -4.66 -1.01
N THR A 76 20.48 -5.23 -1.69
CA THR A 76 19.43 -5.90 -0.96
C THR A 76 19.99 -7.15 -0.24
N THR A 77 20.88 -7.88 -0.89
CA THR A 77 21.51 -9.03 -0.23
C THR A 77 22.16 -8.58 1.10
N VAL A 78 23.00 -7.55 1.01
CA VAL A 78 23.74 -7.01 2.14
C VAL A 78 22.80 -6.45 3.22
N TRP A 79 21.71 -5.80 2.81
CA TRP A 79 20.71 -5.35 3.74
C TRP A 79 20.05 -6.52 4.50
N LEU A 80 19.65 -7.56 3.78
CA LEU A 80 18.90 -8.65 4.39
C LEU A 80 19.76 -9.64 5.21
N LEU A 81 20.97 -9.97 4.75
CA LEU A 81 21.86 -10.80 5.53
C LEU A 81 22.24 -10.10 6.83
N THR A 82 22.58 -8.81 6.73
CA THR A 82 23.00 -8.02 7.88
C THR A 82 21.88 -7.90 8.92
N ASN A 83 20.62 -7.84 8.47
CA ASN A 83 19.47 -7.87 9.38
C ASN A 83 18.98 -9.30 9.71
N GLY A 84 19.80 -10.29 9.37
CA GLY A 84 19.51 -11.72 9.62
C GLY A 84 18.15 -12.23 9.19
N VAL A 85 17.56 -11.58 8.17
CA VAL A 85 16.23 -11.94 7.62
C VAL A 85 16.05 -13.40 7.13
N PRO A 86 16.97 -13.94 6.28
CA PRO A 86 16.75 -15.33 5.82
C PRO A 86 16.76 -16.35 6.97
N GLU A 87 17.66 -16.18 7.93
CA GLU A 87 17.65 -17.09 9.06
C GLU A 87 16.47 -16.91 10.02
N ARG A 88 16.10 -15.67 10.34
CA ARG A 88 14.89 -15.44 11.18
C ARG A 88 13.64 -16.06 10.53
N ALA A 89 13.60 -16.03 9.21
CA ALA A 89 12.51 -16.67 8.46
C ALA A 89 12.47 -18.16 8.74
N GLN A 90 13.62 -18.82 8.72
CA GLN A 90 13.70 -20.24 9.10
C GLN A 90 13.11 -20.46 10.50
N GLN A 91 13.46 -19.58 11.44
CA GLN A 91 12.97 -19.67 12.81
C GLN A 91 11.47 -19.46 12.86
N TRP A 92 11.04 -18.35 12.28
CA TRP A 92 9.61 -18.05 12.21
C TRP A 92 8.81 -19.18 11.61
N TYR A 93 9.37 -19.85 10.60
CA TYR A 93 8.74 -21.00 9.97
C TYR A 93 8.54 -22.13 10.99
N ALA A 94 9.62 -22.48 11.69
CA ALA A 94 9.57 -23.54 12.70
C ALA A 94 8.60 -23.18 13.81
N GLN A 95 8.48 -21.89 14.09
CA GLN A 95 7.58 -21.39 15.13
C GLN A 95 6.14 -21.26 14.75
N GLN A 96 5.76 -21.64 13.54
CA GLN A 96 4.36 -21.58 13.12
C GLN A 96 3.56 -22.68 13.85
N SER A 97 2.26 -22.45 14.04
CA SER A 97 1.39 -23.51 14.53
C SER A 97 1.37 -24.58 13.43
N PRO A 98 1.25 -25.87 13.82
CA PRO A 98 1.34 -26.98 12.86
C PRO A 98 0.30 -26.91 11.75
N ASP A 99 -0.91 -26.48 12.09
CA ASP A 99 -1.99 -26.29 11.11
C ASP A 99 -1.63 -25.23 10.07
N PHE A 100 -1.11 -24.10 10.54
CA PHE A 100 -0.72 -23.06 9.62
C PHE A 100 0.56 -23.41 8.87
N ARG A 101 1.47 -24.16 9.50
CA ARG A 101 2.65 -24.60 8.77
C ARG A 101 2.29 -25.47 7.56
N ALA A 102 1.27 -26.30 7.70
CA ALA A 102 0.81 -27.14 6.58
C ALA A 102 0.21 -26.31 5.42
N ASN A 103 -0.49 -25.23 5.75
CA ASN A 103 -0.95 -24.28 4.75
C ASN A 103 0.21 -23.64 4.00
N LEU A 104 1.23 -23.16 4.70
CA LEU A 104 2.41 -22.61 4.02
C LEU A 104 3.15 -23.65 3.16
N ASP A 105 3.22 -24.88 3.63
CA ASP A 105 3.89 -25.91 2.85
C ASP A 105 3.12 -26.21 1.57
N ALA A 106 1.79 -26.19 1.67
CA ALA A 106 0.91 -26.45 0.54
C ALA A 106 1.08 -25.34 -0.50
N PHE A 107 1.19 -24.10 -0.03
CA PHE A 107 1.29 -22.94 -0.92
C PHE A 107 2.59 -23.06 -1.71
N ALA A 108 3.69 -23.32 -1.02
CA ALA A 108 4.98 -23.58 -1.70
C ALA A 108 4.91 -24.76 -2.66
N ALA A 109 4.18 -25.80 -2.27
CA ALA A 109 4.03 -26.97 -3.11
C ALA A 109 3.30 -26.62 -4.42
N GLY A 110 2.24 -25.81 -4.30
CA GLY A 110 1.47 -25.37 -5.45
C GLY A 110 2.34 -24.59 -6.43
N ILE A 111 3.19 -23.68 -5.92
CA ILE A 111 4.11 -22.93 -6.74
C ILE A 111 5.04 -23.88 -7.47
N ASN A 112 5.60 -24.83 -6.74
CA ASN A 112 6.55 -25.82 -7.30
C ASN A 112 5.90 -26.70 -8.37
N ALA A 113 4.64 -27.05 -8.15
CA ALA A 113 3.93 -27.97 -9.00
C ALA A 113 3.49 -27.27 -10.28
N TYR A 114 3.18 -25.98 -10.20
CA TYR A 114 2.91 -25.26 -11.40
C TYR A 114 4.18 -25.25 -12.25
N ALA A 115 5.32 -24.92 -11.62
CA ALA A 115 6.57 -24.84 -12.37
C ALA A 115 7.01 -26.17 -12.98
N GLN A 116 6.54 -27.26 -12.36
CA GLN A 116 6.86 -28.60 -12.79
C GLN A 116 6.05 -29.02 -14.03
N GLN A 117 4.75 -28.73 -14.01
CA GLN A 117 3.82 -29.11 -15.05
C GLN A 117 3.84 -28.11 -16.21
N ASN A 118 4.53 -26.98 -16.02
CA ASN A 118 4.60 -25.89 -16.99
C ASN A 118 5.98 -25.25 -17.06
N PRO A 119 7.03 -26.05 -17.28
CA PRO A 119 8.36 -25.46 -17.21
C PRO A 119 8.60 -24.35 -18.23
N ASP A 120 7.88 -24.39 -19.36
CA ASP A 120 8.02 -23.37 -20.42
C ASP A 120 7.64 -21.96 -19.93
N ASP A 121 6.73 -21.89 -18.93
CA ASP A 121 6.25 -20.61 -18.38
C ASP A 121 7.21 -19.91 -17.39
N ILE A 122 8.33 -20.54 -17.07
CA ILE A 122 9.22 -20.02 -16.06
C ILE A 122 10.46 -19.49 -16.70
N SER A 123 10.68 -18.19 -16.53
CA SER A 123 11.81 -17.53 -17.13
C SER A 123 13.11 -18.22 -16.74
N PRO A 124 14.00 -18.48 -17.72
CA PRO A 124 15.26 -19.18 -17.43
C PRO A 124 16.00 -18.77 -16.14
N ASP A 125 16.28 -17.50 -15.91
CA ASP A 125 17.17 -17.19 -14.80
C ASP A 125 16.55 -17.10 -13.40
N VAL A 126 15.24 -17.35 -13.29
CA VAL A 126 14.62 -17.61 -11.99
C VAL A 126 14.38 -19.13 -11.72
N ARG A 127 14.85 -19.99 -12.64
CA ARG A 127 14.64 -21.44 -12.48
C ARG A 127 15.47 -21.98 -11.32
N GLN A 128 16.68 -21.46 -11.19
CA GLN A 128 17.61 -21.88 -10.16
C GLN A 128 17.04 -21.71 -8.76
N VAL A 129 16.01 -20.88 -8.64
CA VAL A 129 15.37 -20.63 -7.36
C VAL A 129 14.64 -21.89 -6.87
N LEU A 130 13.99 -22.61 -7.78
CA LEU A 130 13.18 -23.78 -7.43
C LEU A 130 14.01 -24.92 -6.85
N PRO A 131 13.43 -25.74 -5.94
CA PRO A 131 12.07 -25.63 -5.36
C PRO A 131 11.98 -24.55 -4.28
N VAL A 132 10.78 -24.03 -4.06
CA VAL A 132 10.55 -23.09 -2.97
C VAL A 132 9.89 -23.83 -1.80
N SER A 133 10.04 -23.28 -0.61
CA SER A 133 9.57 -23.93 0.62
C SER A 133 8.68 -22.98 1.42
N GLY A 134 8.03 -23.52 2.46
CA GLY A 134 7.26 -22.72 3.39
C GLY A 134 8.09 -21.59 3.97
N ALA A 135 9.37 -21.85 4.22
CA ALA A 135 10.24 -20.85 4.85
C ALA A 135 10.46 -19.66 3.91
N ASP A 136 10.67 -19.96 2.61
CA ASP A 136 10.70 -18.95 1.54
C ASP A 136 9.49 -18.01 1.60
N VAL A 137 8.31 -18.58 1.74
CA VAL A 137 7.07 -17.81 1.79
C VAL A 137 7.09 -16.91 3.02
N VAL A 138 7.49 -17.48 4.18
CA VAL A 138 7.63 -16.73 5.42
C VAL A 138 8.69 -15.63 5.25
N ALA A 139 9.85 -15.95 4.69
CA ALA A 139 10.92 -14.94 4.50
C ALA A 139 10.48 -13.72 3.69
N HIS A 140 9.81 -13.95 2.56
CA HIS A 140 9.41 -12.84 1.74
C HIS A 140 8.43 -11.94 2.48
N ALA A 141 7.46 -12.54 3.16
CA ALA A 141 6.51 -11.79 3.97
C ALA A 141 7.26 -10.98 5.05
N HIS A 142 8.37 -11.53 5.55
CA HIS A 142 9.14 -10.90 6.60
C HIS A 142 9.95 -9.73 6.05
N ARG A 143 10.58 -9.89 4.87
CA ARG A 143 11.20 -8.73 4.23
C ARG A 143 10.13 -7.66 3.93
N LEU A 144 9.01 -8.07 3.38
CA LEU A 144 7.99 -7.10 2.99
C LEU A 144 7.56 -6.24 4.19
N MET A 145 7.14 -6.89 5.28
CA MET A 145 6.55 -6.15 6.39
C MET A 145 7.59 -5.38 7.20
N ASN A 146 8.65 -6.06 7.65
CA ASN A 146 9.64 -5.43 8.55
C ASN A 146 10.76 -4.72 7.85
N PHE A 147 11.09 -5.16 6.64
CA PHE A 147 12.26 -4.62 5.98
C PHE A 147 12.02 -3.95 4.63
N LEU A 148 10.77 -3.57 4.38
CA LEU A 148 10.47 -2.66 3.29
C LEU A 148 9.55 -1.58 3.82
N TYR A 149 8.38 -2.00 4.31
CA TYR A 149 7.49 -1.12 5.04
C TYR A 149 8.12 -0.52 6.32
N VAL A 150 8.28 -1.28 7.40
CA VAL A 150 8.75 -0.70 8.68
C VAL A 150 10.15 -0.08 8.64
N ALA A 151 11.19 -0.88 8.44
CA ALA A 151 12.54 -0.35 8.36
C ALA A 151 13.07 -0.46 6.95
N SER A 152 12.98 0.61 6.17
CA SER A 152 13.49 0.59 4.80
C SER A 152 14.99 0.77 4.81
N PRO A 153 15.70 0.15 3.85
CA PRO A 153 17.15 0.38 3.77
C PRO A 153 17.53 1.86 3.62
N GLY A 154 16.66 2.65 2.98
CA GLY A 154 16.91 4.06 2.73
C GLY A 154 16.89 4.91 3.98
N ARG A 155 15.94 4.65 4.87
CA ARG A 155 15.94 5.35 6.14
C ARG A 155 17.17 5.06 7.00
N THR A 156 17.73 3.86 6.89
CA THR A 156 18.88 3.52 7.71
C THR A 156 20.17 3.96 7.04
N LEU A 157 20.29 3.68 5.75
CA LEU A 157 21.50 4.02 5.02
C LEU A 157 21.52 5.51 4.68
N GLY A 158 20.40 6.19 4.89
CA GLY A 158 20.29 7.63 4.66
C GLY A 158 20.02 7.97 3.20
N GLU A 159 18.96 7.35 2.63
CA GLU A 159 18.50 7.58 1.24
C GLU A 159 16.93 7.56 1.09
N GLY A 160 16.42 6.89 0.05
CA GLY A 160 14.95 6.82 -0.27
C GLY A 160 14.61 7.18 -1.73
N ASP A 161 13.44 6.78 -2.21
CA ASP A 161 13.08 6.97 -3.63
C ASP A 161 12.24 8.21 -4.00
N PRO A 162 12.44 8.74 -5.22
CA PRO A 162 11.76 9.90 -5.81
C PRO A 162 10.26 9.98 -5.53
N PRO A 163 9.65 11.13 -5.88
CA PRO A 163 8.25 11.44 -5.59
C PRO A 163 7.39 10.19 -5.37
N SER B 1 -3.47 5.73 -0.47
CA SER B 1 -4.56 4.74 -0.22
C SER B 1 -5.76 5.39 0.42
N ASN B 2 -6.95 4.90 0.09
CA ASN B 2 -8.15 5.37 0.75
C ASN B 2 -8.86 4.21 1.41
N SER B 3 -9.67 4.50 2.41
CA SER B 3 -10.47 3.47 3.05
C SER B 3 -11.70 4.12 3.64
N TRP B 4 -12.87 3.63 3.23
CA TRP B 4 -14.14 4.03 3.84
C TRP B 4 -14.84 2.79 4.40
N ALA B 5 -15.52 2.95 5.53
CA ALA B 5 -16.47 1.97 6.00
C ALA B 5 -17.66 2.75 6.54
N VAL B 6 -18.85 2.35 6.13
CA VAL B 6 -20.07 3.11 6.40
C VAL B 6 -21.01 2.22 7.21
N ALA B 7 -21.48 2.72 8.36
CA ALA B 7 -22.42 1.99 9.22
C ALA B 7 -23.81 1.91 8.57
N PRO B 8 -24.59 0.84 8.89
CA PRO B 8 -25.94 0.65 8.35
C PRO B 8 -26.82 1.90 8.39
N GLY B 9 -26.77 2.62 9.52
CA GLY B 9 -27.62 3.79 9.74
C GLY B 9 -27.40 4.90 8.73
N LYS B 10 -26.21 4.94 8.14
CA LYS B 10 -25.88 5.94 7.14
C LYS B 10 -26.22 5.50 5.68
N THR B 11 -26.89 4.37 5.54
CA THR B 11 -27.15 3.82 4.20
C THR B 11 -28.65 3.70 3.97
N ALA B 12 -29.06 3.66 2.70
CA ALA B 12 -30.50 3.48 2.36
C ALA B 12 -31.04 2.09 2.74
N ASN B 13 -30.25 1.05 2.46
CA ASN B 13 -30.70 -0.34 2.60
C ASN B 13 -30.45 -0.97 3.96
N GLY B 14 -29.63 -0.34 4.79
CA GLY B 14 -29.44 -0.82 6.14
C GLY B 14 -28.32 -1.83 6.28
N ASN B 15 -27.49 -1.96 5.24
CA ASN B 15 -26.26 -2.77 5.26
C ASN B 15 -24.99 -1.91 5.12
N ALA B 16 -23.90 -2.37 5.72
CA ALA B 16 -22.63 -1.66 5.74
C ALA B 16 -21.95 -1.66 4.39
N LEU B 17 -21.11 -0.64 4.16
CA LEU B 17 -20.42 -0.46 2.91
C LEU B 17 -18.93 -0.41 3.19
N LEU B 18 -18.14 -0.93 2.25
CA LEU B 18 -16.68 -1.00 2.41
C LEU B 18 -15.92 -0.69 1.10
N LEU B 19 -14.95 0.22 1.22
CA LEU B 19 -14.09 0.60 0.11
C LEU B 19 -12.66 0.09 0.29
N GLN B 20 -12.20 -0.70 -0.67
CA GLN B 20 -10.82 -1.13 -0.70
C GLN B 20 -10.17 -0.37 -1.83
N ASN B 21 -9.04 0.27 -1.56
CA ASN B 21 -8.50 1.30 -2.44
C ASN B 21 -7.02 1.62 -2.19
N PRO B 22 -6.15 0.59 -2.17
CA PRO B 22 -4.72 0.86 -1.93
C PRO B 22 -4.05 1.60 -3.09
N HIS B 23 -3.16 2.53 -2.78
CA HIS B 23 -2.36 3.20 -3.83
C HIS B 23 -0.90 2.77 -3.77
N LEU B 24 -0.44 2.13 -4.84
CA LEU B 24 0.96 1.70 -4.91
C LEU B 24 1.50 1.83 -6.34
N SER B 25 2.82 1.71 -6.48
CA SER B 25 3.47 1.69 -7.80
C SER B 25 2.84 0.68 -8.72
N TRP B 26 2.64 1.12 -9.97
CA TRP B 26 2.22 0.24 -11.05
C TRP B 26 3.34 -0.63 -11.59
N THR B 27 4.56 -0.38 -11.13
CA THR B 27 5.77 -0.91 -11.77
C THR B 27 6.85 -1.20 -10.73
N THR B 28 6.65 -2.28 -9.98
CA THR B 28 7.47 -2.62 -8.77
C THR B 28 7.02 -4.01 -8.27
N ASP B 29 7.73 -5.05 -8.67
CA ASP B 29 7.72 -6.35 -8.02
C ASP B 29 6.72 -6.55 -6.90
N TYR B 30 7.21 -6.25 -5.71
CA TYR B 30 6.56 -6.66 -4.49
C TYR B 30 5.34 -5.84 -4.21
N PHE B 31 5.18 -4.71 -4.89
CA PHE B 31 3.93 -3.93 -4.75
C PHE B 31 2.78 -4.37 -5.64
N THR B 32 2.99 -5.34 -6.54
CA THR B 32 1.93 -5.76 -7.46
C THR B 32 0.80 -6.49 -6.72
N TYR B 33 -0.43 -6.04 -6.89
CA TYR B 33 -1.60 -6.72 -6.32
C TYR B 33 -2.17 -7.83 -7.19
N TYR B 34 -2.79 -8.82 -6.55
CA TYR B 34 -3.35 -9.97 -7.25
C TYR B 34 -4.70 -10.26 -6.64
N GLU B 35 -5.63 -10.63 -7.50
CA GLU B 35 -7.01 -10.88 -7.11
C GLU B 35 -7.31 -12.38 -7.18
N ALA B 36 -7.92 -12.91 -6.13
CA ALA B 36 -8.18 -14.34 -6.07
C ALA B 36 -9.38 -14.60 -5.19
N HIS B 37 -9.84 -15.85 -5.19
CA HIS B 37 -11.03 -16.24 -4.46
C HIS B 37 -10.74 -17.64 -3.97
N LEU B 38 -10.80 -17.83 -2.64
CA LEU B 38 -10.51 -19.12 -1.97
C LEU B 38 -11.72 -19.67 -1.26
N VAL B 39 -12.07 -20.92 -1.55
CA VAL B 39 -13.27 -21.53 -0.96
C VAL B 39 -12.93 -22.93 -0.48
N THR B 40 -13.13 -23.15 0.82
CA THR B 40 -13.10 -24.49 1.39
C THR B 40 -14.44 -24.73 2.10
N PRO B 41 -14.68 -25.96 2.62
CA PRO B 41 -15.91 -26.19 3.38
C PRO B 41 -16.02 -25.33 4.65
N ASP B 42 -14.92 -24.76 5.11
CA ASP B 42 -14.87 -24.08 6.39
C ASP B 42 -14.70 -22.55 6.36
N PHE B 43 -14.25 -22.01 5.22
CA PHE B 43 -14.04 -20.58 5.02
C PHE B 43 -14.13 -20.15 3.54
N GLU B 44 -14.37 -18.86 3.34
CA GLU B 44 -14.39 -18.27 2.04
C GLU B 44 -13.77 -16.89 2.18
N ILE B 45 -12.85 -16.57 1.26
CA ILE B 45 -12.29 -15.21 1.12
C ILE B 45 -12.04 -14.79 -0.34
N TYR B 46 -12.36 -13.53 -0.62
CA TYR B 46 -12.17 -12.94 -1.92
C TYR B 46 -11.36 -11.66 -1.76
N GLY B 47 -10.47 -11.38 -2.71
CA GLY B 47 -9.88 -10.04 -2.79
C GLY B 47 -8.45 -10.05 -3.28
N ALA B 48 -7.71 -9.02 -2.89
CA ALA B 48 -6.38 -8.75 -3.41
C ALA B 48 -5.27 -8.76 -2.34
N THR B 49 -4.05 -9.09 -2.78
CA THR B 49 -2.92 -9.15 -1.89
C THR B 49 -1.66 -8.94 -2.72
N GLN B 50 -0.56 -8.57 -2.11
CA GLN B 50 0.68 -8.46 -2.86
C GLN B 50 1.15 -9.84 -3.29
N ILE B 51 1.66 -9.94 -4.51
CA ILE B 51 2.09 -11.22 -5.07
C ILE B 51 3.06 -11.93 -4.11
N GLY B 52 2.92 -13.24 -3.95
CA GLY B 52 3.81 -14.00 -3.07
C GLY B 52 3.37 -14.06 -1.61
N LEU B 53 2.34 -13.31 -1.26
CA LEU B 53 1.71 -13.48 0.03
C LEU B 53 0.64 -14.55 -0.11
N PRO B 54 0.68 -15.56 0.77
CA PRO B 54 -0.32 -16.64 0.73
C PRO B 54 -1.64 -16.31 1.41
N VAL B 55 -1.80 -15.08 1.90
CA VAL B 55 -3.07 -14.66 2.50
C VAL B 55 -3.55 -13.36 1.86
N ILE B 56 -4.86 -13.20 1.78
CA ILE B 56 -5.43 -12.03 1.15
C ILE B 56 -5.49 -10.86 2.13
N ARG B 57 -4.74 -9.78 1.83
CA ARG B 57 -4.69 -8.65 2.76
C ARG B 57 -5.88 -7.71 2.63
N PHE B 58 -6.48 -7.65 1.43
CA PHE B 58 -7.69 -6.89 1.21
C PHE B 58 -8.79 -7.87 0.91
N ALA B 59 -9.42 -8.35 1.98
CA ALA B 59 -10.31 -9.49 1.89
C ALA B 59 -11.75 -9.11 2.21
N PHE B 60 -12.68 -9.87 1.68
CA PHE B 60 -14.06 -9.84 2.10
C PHE B 60 -14.71 -11.17 1.72
N ASN B 61 -15.88 -11.43 2.29
CA ASN B 61 -16.67 -12.61 1.98
C ASN B 61 -18.08 -12.27 2.34
N GLN B 62 -18.93 -13.27 2.54
CA GLN B 62 -20.34 -13.01 2.78
C GLN B 62 -20.59 -12.35 4.12
N ARG B 63 -19.60 -12.38 5.01
CA ARG B 63 -19.83 -11.91 6.38
C ARG B 63 -19.10 -10.62 6.74
N MET B 64 -17.86 -10.49 6.30
CA MET B 64 -17.00 -9.38 6.71
C MET B 64 -15.96 -9.06 5.66
N GLY B 65 -15.31 -7.91 5.81
CA GLY B 65 -14.19 -7.55 4.96
C GLY B 65 -13.29 -6.53 5.64
N ILE B 66 -12.02 -6.49 5.22
CA ILE B 66 -11.10 -5.49 5.73
C ILE B 66 -10.38 -4.72 4.59
N THR B 67 -9.74 -3.62 4.95
CA THR B 67 -8.85 -2.93 4.02
C THR B 67 -7.74 -2.22 4.80
N ASN B 68 -6.70 -1.81 4.08
CA ASN B 68 -5.45 -1.35 4.66
C ASN B 68 -5.00 -0.02 4.07
N THR B 69 -4.45 0.85 4.90
CA THR B 69 -3.73 2.01 4.41
C THR B 69 -2.42 2.14 5.19
N VAL B 70 -1.43 2.76 4.58
CA VAL B 70 -0.13 2.97 5.20
C VAL B 70 -0.26 4.02 6.31
N ASN B 71 0.33 3.77 7.47
CA ASN B 71 0.25 4.70 8.60
C ASN B 71 1.60 5.17 9.11
N GLY B 72 2.68 4.61 8.54
CA GLY B 72 4.03 5.01 8.88
C GLY B 72 4.47 4.66 10.30
N MET B 73 3.71 3.77 10.97
CA MET B 73 4.02 3.27 12.30
C MET B 73 5.52 3.19 12.49
N VAL B 74 6.05 4.02 13.38
CA VAL B 74 7.50 4.10 13.56
C VAL B 74 7.87 2.90 14.41
N GLY B 75 8.28 1.82 13.75
CA GLY B 75 8.53 0.55 14.41
C GLY B 75 10.01 0.23 14.45
N ALA B 76 10.83 1.17 14.01
CA ALA B 76 12.27 1.00 14.07
C ALA B 76 12.87 2.28 14.55
N THR B 77 14.11 2.18 15.04
CA THR B 77 14.87 3.34 15.46
C THR B 77 16.23 3.23 14.83
N ASN B 78 16.66 4.34 14.26
CA ASN B 78 18.04 4.47 13.85
C ASN B 78 18.84 5.26 14.90
N TYR B 79 19.92 4.62 15.38
CA TYR B 79 20.77 5.17 16.41
C TYR B 79 22.12 5.59 15.87
N ARG B 80 22.50 6.82 16.16
CA ARG B 80 23.83 7.34 15.85
C ARG B 80 24.79 6.88 16.93
N LEU B 81 25.84 6.18 16.53
CA LEU B 81 26.81 5.66 17.48
C LEU B 81 27.99 6.59 17.52
N THR B 82 28.65 6.65 18.67
CA THR B 82 29.93 7.35 18.80
C THR B 82 31.04 6.31 18.80
N LEU B 83 31.75 6.19 17.69
CA LEU B 83 32.84 5.25 17.56
C LEU B 83 34.03 5.74 18.37
N GLN B 84 34.59 4.83 19.19
CA GLN B 84 35.76 5.14 20.00
C GLN B 84 36.47 3.86 20.39
N ASP B 85 37.78 3.79 20.11
CA ASP B 85 38.62 2.70 20.64
C ASP B 85 38.28 1.33 20.06
N GLY B 86 37.77 1.27 18.83
CA GLY B 86 37.36 -0.01 18.23
C GLY B 86 35.96 -0.51 18.60
N GLY B 87 35.40 0.02 19.70
CA GLY B 87 34.01 -0.20 20.05
C GLY B 87 33.20 1.07 19.86
N TYR B 88 32.22 1.28 20.74
CA TYR B 88 31.37 2.47 20.71
C TYR B 88 31.02 2.96 22.12
N LEU B 89 30.99 4.27 22.29
CA LEU B 89 30.66 4.84 23.60
C LEU B 89 29.21 4.57 23.99
N TYR B 90 29.01 4.03 25.18
CA TYR B 90 27.68 3.71 25.69
C TYR B 90 27.69 3.77 27.22
N ASP B 91 26.82 4.61 27.80
CA ASP B 91 26.82 4.87 29.24
C ASP B 91 28.23 5.13 29.80
N GLY B 92 28.91 6.13 29.26
CA GLY B 92 30.25 6.47 29.75
C GLY B 92 31.37 5.47 29.51
N GLN B 93 31.03 4.23 29.10
CA GLN B 93 32.03 3.17 28.85
C GLN B 93 32.15 2.78 27.38
N VAL B 94 33.39 2.55 26.91
CA VAL B 94 33.61 1.98 25.58
C VAL B 94 33.23 0.50 25.67
N ARG B 95 32.38 0.08 24.74
CA ARG B 95 31.76 -1.23 24.75
C ARG B 95 32.02 -1.88 23.37
N PRO B 96 32.46 -3.16 23.35
CA PRO B 96 32.81 -3.72 22.04
C PRO B 96 31.57 -4.18 21.23
N PHE B 97 31.71 -4.26 19.90
CA PHE B 97 30.65 -4.79 19.03
C PHE B 97 30.62 -6.31 19.04
N GLU B 98 29.45 -6.91 18.83
CA GLU B 98 29.38 -8.31 18.41
C GLU B 98 29.78 -8.32 16.93
N ARG B 99 30.71 -9.19 16.56
CA ARG B 99 31.15 -9.38 15.18
C ARG B 99 30.91 -10.81 14.75
N ARG B 100 30.31 -11.03 13.59
CA ARG B 100 30.46 -12.30 12.86
C ARG B 100 30.90 -12.12 11.43
N GLN B 101 31.72 -13.05 10.96
CA GLN B 101 32.18 -13.07 9.57
C GLN B 101 31.26 -14.01 8.82
N ALA B 102 30.44 -13.46 7.94
CA ALA B 102 29.59 -14.23 7.03
C ALA B 102 30.11 -14.01 5.61
N SER B 103 29.53 -14.71 4.65
CA SER B 103 29.89 -14.49 3.25
C SER B 103 28.69 -14.72 2.36
N TYR B 104 28.76 -14.23 1.14
CA TYR B 104 27.75 -14.54 0.13
C TYR B 104 28.46 -14.65 -1.21
N ARG B 105 27.83 -15.34 -2.16
CA ARG B 105 28.36 -15.41 -3.51
C ARG B 105 27.77 -14.30 -4.35
N LEU B 106 28.62 -13.74 -5.22
CA LEU B 106 28.19 -12.75 -6.19
C LEU B 106 28.35 -13.31 -7.60
N ARG B 107 27.27 -13.32 -8.38
CA ARG B 107 27.33 -13.75 -9.78
C ARG B 107 28.10 -12.75 -10.62
N GLN B 108 29.07 -13.26 -11.38
CA GLN B 108 29.91 -12.47 -12.27
C GLN B 108 29.32 -12.49 -13.67
N ALA B 109 29.66 -11.50 -14.48
CA ALA B 109 29.21 -11.46 -15.90
C ALA B 109 29.32 -12.81 -16.64
N ASP B 110 30.33 -13.62 -16.31
CA ASP B 110 30.58 -14.86 -17.05
C ASP B 110 29.84 -16.12 -16.55
N GLY B 111 28.86 -15.93 -15.65
CA GLY B 111 28.12 -17.07 -15.06
C GLY B 111 28.71 -17.72 -13.80
N THR B 112 29.98 -17.46 -13.53
CA THR B 112 30.58 -17.93 -12.26
C THR B 112 30.20 -17.02 -11.09
N THR B 113 30.45 -17.51 -9.88
CA THR B 113 30.33 -16.67 -8.68
C THR B 113 31.70 -16.56 -8.03
N VAL B 114 32.01 -15.38 -7.49
CA VAL B 114 33.14 -15.19 -6.57
C VAL B 114 32.62 -15.16 -5.12
N ASP B 115 33.46 -15.52 -4.16
CA ASP B 115 33.05 -15.56 -2.77
C ASP B 115 33.36 -14.26 -2.06
N LYS B 116 32.35 -13.62 -1.50
CA LYS B 116 32.56 -12.30 -0.92
C LYS B 116 32.35 -12.26 0.58
N PRO B 117 33.38 -11.81 1.32
CA PRO B 117 33.34 -11.63 2.77
C PRO B 117 32.33 -10.53 3.17
N LEU B 118 31.69 -10.70 4.32
CA LEU B 118 30.76 -9.70 4.83
C LEU B 118 30.78 -9.70 6.36
N GLU B 119 31.47 -8.74 6.95
CA GLU B 119 31.46 -8.58 8.40
C GLU B 119 30.07 -8.10 8.80
N ILE B 120 29.51 -8.71 9.85
CA ILE B 120 28.26 -8.24 10.44
C ILE B 120 28.51 -7.86 11.89
N ARG B 121 28.41 -6.56 12.16
CA ARG B 121 28.62 -6.03 13.50
C ARG B 121 27.32 -5.57 14.12
N SER B 122 27.17 -5.78 15.42
CA SER B 122 25.99 -5.31 16.14
C SER B 122 26.40 -4.62 17.44
N SER B 123 25.63 -3.61 17.81
CA SER B 123 25.70 -3.03 19.12
C SER B 123 24.51 -3.61 19.91
N VAL B 124 24.35 -3.17 21.16
CA VAL B 124 23.13 -3.46 21.92
C VAL B 124 21.87 -3.22 21.13
N HIS B 125 21.90 -2.18 20.30
CA HIS B 125 20.72 -1.70 19.60
C HIS B 125 20.27 -2.67 18.53
N GLY B 126 21.21 -3.09 17.69
CA GLY B 126 20.93 -3.94 16.56
C GLY B 126 22.10 -3.92 15.62
N PRO B 127 21.94 -4.48 14.41
CA PRO B 127 22.99 -4.51 13.37
C PRO B 127 23.45 -3.10 13.00
N VAL B 128 24.74 -2.97 12.67
CA VAL B 128 25.35 -1.67 12.40
C VAL B 128 25.69 -1.41 10.92
N PHE B 129 25.35 -0.21 10.46
CA PHE B 129 25.59 0.20 9.08
C PHE B 129 26.43 1.45 9.01
N GLU B 130 27.36 1.50 8.09
CA GLU B 130 28.08 2.74 7.83
C GLU B 130 27.48 3.48 6.62
N ARG B 131 26.99 4.71 6.85
CA ARG B 131 26.47 5.57 5.75
C ARG B 131 27.63 6.11 4.94
N ALA B 132 27.35 6.48 3.69
CA ALA B 132 28.40 6.99 2.77
C ALA B 132 29.18 8.21 3.31
N ASP B 133 28.61 8.90 4.30
CA ASP B 133 29.24 10.04 4.96
C ASP B 133 30.04 9.70 6.23
N GLY B 134 30.01 8.44 6.66
CA GLY B 134 30.79 7.97 7.83
C GLY B 134 30.02 7.72 9.13
N THR B 135 28.81 8.26 9.22
CA THR B 135 27.93 7.99 10.34
C THR B 135 27.69 6.49 10.48
N ALA B 136 28.07 5.94 11.63
CA ALA B 136 27.78 4.56 12.00
C ALA B 136 26.40 4.50 12.63
N VAL B 137 25.52 3.71 12.04
CA VAL B 137 24.11 3.68 12.45
C VAL B 137 23.71 2.27 12.85
N ALA B 138 23.08 2.13 14.01
CA ALA B 138 22.54 0.84 14.40
C ALA B 138 21.03 0.90 14.33
N VAL B 139 20.44 -0.11 13.70
CA VAL B 139 19.00 -0.14 13.50
C VAL B 139 18.35 -1.16 14.42
N ARG B 140 17.31 -0.71 15.12
CA ARG B 140 16.60 -1.51 16.10
C ARG B 140 15.19 -1.64 15.64
N VAL B 141 14.81 -2.85 15.24
CA VAL B 141 13.49 -3.09 14.67
C VAL B 141 12.57 -3.79 15.65
N ALA B 142 11.43 -3.17 15.95
CA ALA B 142 10.45 -3.80 16.83
C ALA B 142 9.90 -5.09 16.23
N GLY B 143 9.45 -5.98 17.10
CA GLY B 143 8.64 -7.13 16.70
C GLY B 143 9.32 -8.19 15.86
N LEU B 144 10.64 -8.32 15.97
CA LEU B 144 11.35 -9.43 15.37
C LEU B 144 10.95 -10.76 15.99
N ASP B 145 10.23 -10.71 17.11
CA ASP B 145 9.80 -11.93 17.82
C ASP B 145 8.31 -12.20 17.56
N ARG B 146 7.77 -11.61 16.49
CA ARG B 146 6.36 -11.83 16.13
C ARG B 146 6.28 -12.70 14.88
N PRO B 147 6.23 -14.03 15.05
CA PRO B 147 6.29 -14.89 13.86
C PRO B 147 4.94 -15.12 13.18
N GLY B 148 3.84 -14.68 13.78
CA GLY B 148 2.50 -15.01 13.30
C GLY B 148 1.77 -13.98 12.44
N MET B 149 2.52 -13.17 11.69
CA MET B 149 1.92 -12.16 10.80
C MET B 149 0.95 -12.79 9.80
N LEU B 150 1.42 -13.76 9.02
CA LEU B 150 0.56 -14.42 8.06
C LEU B 150 -0.71 -15.02 8.68
N GLU B 151 -0.56 -15.83 9.74
CA GLU B 151 -1.73 -16.48 10.38
C GLU B 151 -2.68 -15.46 11.03
N GLN B 152 -2.14 -14.35 11.54
CA GLN B 152 -3.01 -13.27 12.05
C GLN B 152 -3.95 -12.71 10.99
N TYR B 153 -3.39 -12.34 9.83
CA TYR B 153 -4.23 -11.89 8.72
C TYR B 153 -5.24 -12.95 8.33
N PHE B 154 -4.77 -14.19 8.25
CA PHE B 154 -5.66 -15.29 7.90
C PHE B 154 -6.81 -15.45 8.90
N ASP B 155 -6.52 -15.24 10.19
CA ASP B 155 -7.55 -15.38 11.23
C ASP B 155 -8.49 -14.18 11.28
N MET B 156 -7.94 -12.98 11.03
CA MET B 156 -8.74 -11.77 10.86
C MET B 156 -9.75 -11.89 9.73
N ILE B 157 -9.29 -12.32 8.56
CA ILE B 157 -10.13 -12.32 7.36
C ILE B 157 -11.13 -13.48 7.32
N THR B 158 -10.92 -14.47 8.19
CA THR B 158 -11.88 -15.59 8.32
C THR B 158 -12.61 -15.56 9.66
N ALA B 159 -12.39 -14.51 10.45
CA ALA B 159 -13.19 -14.25 11.65
C ALA B 159 -14.71 -14.48 11.52
N ASP B 160 -15.30 -15.16 12.52
CA ASP B 160 -16.75 -15.46 12.52
C ASP B 160 -17.59 -14.37 13.20
N SER B 161 -16.91 -13.41 13.81
CA SER B 161 -17.55 -12.33 14.54
C SER B 161 -16.54 -11.21 14.74
N PHE B 162 -17.03 -10.01 15.03
CA PHE B 162 -16.12 -8.90 15.33
C PHE B 162 -15.18 -9.25 16.49
N ASP B 163 -15.73 -9.86 17.55
CA ASP B 163 -14.92 -10.31 18.70
C ASP B 163 -13.77 -11.23 18.29
N ASP B 164 -14.04 -12.16 17.39
CA ASP B 164 -12.97 -13.04 16.93
C ASP B 164 -11.92 -12.25 16.15
N TYR B 165 -12.40 -11.40 15.24
CA TYR B 165 -11.52 -10.47 14.51
C TYR B 165 -10.66 -9.69 15.50
N GLU B 166 -11.31 -9.09 16.49
CA GLU B 166 -10.56 -8.29 17.48
C GLU B 166 -9.53 -9.06 18.29
N ALA B 167 -9.88 -10.26 18.70
CA ALA B 167 -8.95 -11.14 19.40
C ALA B 167 -7.76 -11.44 18.52
N ALA B 168 -7.99 -11.62 17.22
CA ALA B 168 -6.90 -11.93 16.29
C ALA B 168 -6.01 -10.71 16.09
N LEU B 169 -6.63 -9.56 15.88
CA LEU B 169 -5.90 -8.30 15.75
C LEU B 169 -5.04 -8.01 16.99
N ALA B 170 -5.52 -8.45 18.16
CA ALA B 170 -4.85 -8.11 19.42
C ALA B 170 -3.54 -8.86 19.67
N ARG B 171 -3.29 -9.93 18.92
CA ARG B 171 -1.99 -10.65 19.02
C ARG B 171 -0.76 -9.84 18.64
N MET B 172 -0.95 -8.66 18.06
CA MET B 172 0.15 -7.75 17.63
C MET B 172 1.24 -8.42 16.77
N GLN B 173 0.80 -9.25 15.82
CA GLN B 173 1.71 -9.88 14.85
C GLN B 173 1.82 -9.12 13.50
N VAL B 174 0.91 -8.18 13.22
CA VAL B 174 0.98 -7.31 12.03
C VAL B 174 1.60 -5.95 12.41
N PRO B 175 2.86 -5.70 11.97
CA PRO B 175 3.66 -4.62 12.55
C PRO B 175 3.33 -3.20 12.10
N THR B 176 2.29 -3.03 11.27
CA THR B 176 2.00 -1.71 10.66
C THR B 176 0.60 -1.65 10.03
N PHE B 177 0.27 -0.49 9.45
CA PHE B 177 -0.96 -0.28 8.69
C PHE B 177 -2.13 0.24 9.52
N ASN B 178 -2.90 1.16 8.94
CA ASN B 178 -4.27 1.42 9.35
C ASN B 178 -5.13 0.28 8.81
N ILE B 179 -6.03 -0.26 9.63
CA ILE B 179 -6.86 -1.39 9.20
C ILE B 179 -8.31 -1.06 9.54
N VAL B 180 -9.18 -1.25 8.56
CA VAL B 180 -10.57 -0.88 8.64
C VAL B 180 -11.37 -2.15 8.38
N TYR B 181 -12.49 -2.30 9.09
CA TYR B 181 -13.27 -3.52 9.10
C TYR B 181 -14.74 -3.14 8.96
N ALA B 182 -15.51 -3.95 8.25
CA ALA B 182 -16.97 -3.82 8.24
C ALA B 182 -17.59 -5.19 8.13
N ASP B 183 -18.83 -5.36 8.61
CA ASP B 183 -19.49 -6.68 8.49
C ASP B 183 -21.00 -6.66 8.33
N ARG B 184 -21.57 -7.82 8.01
CA ARG B 184 -23.00 -7.91 7.75
C ARG B 184 -23.83 -7.70 9.00
N GLU B 185 -23.18 -7.84 10.17
CA GLU B 185 -23.85 -7.65 11.46
C GLU B 185 -24.06 -6.15 11.74
N GLY B 186 -23.23 -5.31 11.12
CA GLY B 186 -23.42 -3.86 11.16
C GLY B 186 -22.30 -3.13 11.85
N THR B 187 -21.20 -3.84 12.10
CA THR B 187 -20.10 -3.25 12.82
C THR B 187 -19.07 -2.73 11.84
N ILE B 188 -18.59 -1.53 12.12
CA ILE B 188 -17.49 -0.93 11.35
C ILE B 188 -16.42 -0.49 12.34
N ASN B 189 -15.16 -0.59 11.93
CA ASN B 189 -14.05 -0.33 12.83
C ASN B 189 -12.82 0.23 12.14
N TYR B 190 -12.19 1.20 12.79
CA TYR B 190 -10.90 1.69 12.37
C TYR B 190 -9.91 1.38 13.48
N SER B 191 -8.73 0.90 13.10
CA SER B 191 -7.62 0.71 14.04
C SER B 191 -6.34 1.17 13.40
N PHE B 192 -5.60 1.98 14.17
CA PHE B 192 -4.29 2.43 13.80
C PHE B 192 -3.36 1.34 14.34
N ASN B 193 -3.16 0.29 13.55
CA ASN B 193 -2.43 -0.89 14.01
C ASN B 193 -0.91 -0.81 13.82
N GLY B 194 -0.19 -1.72 14.47
CA GLY B 194 1.25 -1.85 14.29
C GLY B 194 1.95 -2.19 15.59
N VAL B 195 3.26 -2.39 15.54
CA VAL B 195 4.03 -2.67 16.73
C VAL B 195 4.87 -1.43 17.08
N ALA B 196 4.46 -0.77 18.15
CA ALA B 196 5.02 0.52 18.56
C ALA B 196 5.81 0.38 19.86
N PRO B 197 7.14 0.58 19.81
CA PRO B 197 7.94 0.61 21.05
C PRO B 197 7.41 1.59 22.11
N LYS B 198 7.37 1.15 23.38
CA LYS B 198 7.12 2.05 24.52
C LYS B 198 8.36 2.90 24.78
N ARG B 199 8.16 4.21 24.81
CA ARG B 199 9.25 5.16 24.99
C ARG B 199 8.80 6.08 26.13
N ALA B 200 9.77 6.52 26.94
CA ALA B 200 9.46 7.32 28.12
C ALA B 200 9.41 8.80 27.77
N GLU B 201 9.95 9.16 26.60
CA GLU B 201 10.09 10.55 26.19
C GLU B 201 10.29 10.68 24.68
N GLY B 202 10.09 11.89 24.17
CA GLY B 202 10.37 12.23 22.78
C GLY B 202 9.12 12.13 21.95
N ASP B 203 8.97 13.03 20.98
CA ASP B 203 7.84 12.94 20.04
C ASP B 203 8.22 12.12 18.79
N ILE B 204 7.30 12.04 17.83
CA ILE B 204 7.51 11.22 16.65
C ILE B 204 8.73 11.71 15.87
N ALA B 205 8.84 13.03 15.70
CA ALA B 205 9.93 13.61 14.92
C ALA B 205 11.29 13.25 15.51
N PHE B 206 11.39 13.26 16.84
CA PHE B 206 12.61 12.84 17.52
C PHE B 206 12.91 11.37 17.22
N TRP B 207 11.87 10.53 17.28
CA TRP B 207 12.03 9.10 17.03
C TRP B 207 12.25 8.72 15.54
N GLN B 208 11.78 9.56 14.61
CA GLN B 208 12.09 9.40 13.17
C GLN B 208 13.51 9.83 12.80
N GLY B 209 14.08 10.76 13.57
CA GLY B 209 15.46 11.21 13.34
C GLY B 209 16.46 10.19 13.84
N LEU B 210 17.74 10.57 13.85
CA LEU B 210 18.78 9.75 14.46
C LEU B 210 18.80 9.94 15.97
N VAL B 211 18.34 8.92 16.71
CA VAL B 211 18.38 8.90 18.18
C VAL B 211 19.83 8.65 18.67
N PRO B 212 20.28 9.37 19.71
CA PRO B 212 21.66 9.13 20.15
C PRO B 212 21.88 7.70 20.61
N GLY B 213 22.96 7.09 20.17
CA GLY B 213 23.19 5.68 20.48
C GLY B 213 24.26 5.42 21.52
N ASP B 214 24.35 6.31 22.50
CA ASP B 214 25.43 6.31 23.49
C ASP B 214 24.86 6.19 24.91
N SER B 215 23.63 5.69 25.00
CA SER B 215 22.92 5.70 26.28
C SER B 215 21.72 4.75 26.32
N SER B 216 21.63 3.97 27.41
CA SER B 216 20.50 3.08 27.72
C SER B 216 19.20 3.84 27.90
N ARG B 217 19.30 5.15 28.07
CA ARG B 217 18.14 6.00 28.25
C ARG B 217 17.16 5.88 27.06
N TYR B 218 17.71 5.64 25.86
CA TYR B 218 16.92 5.55 24.63
C TYR B 218 16.67 4.12 24.12
N LEU B 219 17.21 3.12 24.81
CA LEU B 219 17.03 1.72 24.44
C LEU B 219 15.69 1.16 24.89
N TRP B 220 14.67 1.25 24.04
CA TRP B 220 13.38 0.64 24.39
C TRP B 220 13.44 -0.91 24.34
N THR B 221 12.49 -1.56 25.01
CA THR B 221 12.46 -3.02 25.10
C THR B 221 11.03 -3.57 24.97
N GLU B 222 10.03 -2.70 25.03
CA GLU B 222 8.65 -3.16 25.09
C GLU B 222 7.78 -2.49 24.06
N THR B 223 6.64 -3.12 23.76
CA THR B 223 5.74 -2.60 22.76
C THR B 223 4.32 -2.41 23.29
N HIS B 224 3.53 -1.58 22.59
CA HIS B 224 2.19 -1.24 23.02
C HIS B 224 1.20 -2.36 22.67
N PRO B 225 0.31 -2.72 23.63
CA PRO B 225 -0.79 -3.59 23.27
C PRO B 225 -1.80 -2.83 22.40
N LEU B 226 -2.71 -3.56 21.76
CA LEU B 226 -3.66 -2.98 20.86
C LEU B 226 -4.49 -1.86 21.50
N ASP B 227 -4.79 -1.96 22.79
CA ASP B 227 -5.72 -0.95 23.31
C ASP B 227 -5.03 0.34 23.79
N ASP B 228 -3.73 0.43 23.53
CA ASP B 228 -2.99 1.68 23.59
C ASP B 228 -3.02 2.48 22.28
N LEU B 229 -3.53 1.88 21.21
CA LEU B 229 -3.49 2.52 19.89
C LEU B 229 -4.84 3.15 19.52
N PRO B 230 -4.84 4.25 18.72
CA PRO B 230 -6.09 4.89 18.25
C PRO B 230 -7.08 3.94 17.54
N ARG B 231 -8.30 3.84 18.06
CA ARG B 231 -9.26 2.93 17.47
C ARG B 231 -10.64 3.55 17.49
N VAL B 232 -11.50 3.16 16.55
CA VAL B 232 -12.85 3.68 16.50
C VAL B 232 -13.81 2.58 16.08
N THR B 233 -14.92 2.45 16.81
CA THR B 233 -15.92 1.41 16.53
C THR B 233 -17.33 1.99 16.54
N ASN B 234 -18.09 1.72 15.48
CA ASN B 234 -19.43 2.31 15.34
C ASN B 234 -19.54 3.73 15.90
N PRO B 235 -18.87 4.70 15.25
CA PRO B 235 -18.85 6.04 15.83
C PRO B 235 -20.16 6.74 15.59
N PRO B 236 -20.44 7.83 16.34
CA PRO B 236 -21.73 8.52 16.12
C PRO B 236 -21.90 9.07 14.67
N GLY B 237 -20.80 9.28 13.96
CA GLY B 237 -20.84 9.76 12.59
C GLY B 237 -21.33 8.75 11.56
N GLY B 238 -21.37 7.47 11.93
CA GLY B 238 -21.80 6.42 11.03
C GLY B 238 -20.82 6.04 9.92
N PHE B 239 -19.55 6.39 10.08
CA PHE B 239 -18.53 5.99 9.12
C PHE B 239 -17.12 6.10 9.69
N VAL B 240 -16.19 5.36 9.11
CA VAL B 240 -14.77 5.60 9.36
C VAL B 240 -13.99 5.74 8.04
N GLN B 241 -12.96 6.57 8.07
CA GLN B 241 -12.13 6.75 6.88
C GLN B 241 -10.67 6.90 7.23
N ASN B 242 -9.79 6.57 6.27
CA ASN B 242 -8.39 6.98 6.32
C ASN B 242 -7.81 7.10 4.92
N SER B 243 -7.06 8.18 4.70
CA SER B 243 -6.47 8.47 3.42
C SER B 243 -4.98 8.77 3.60
N ASN B 244 -4.34 8.01 4.47
CA ASN B 244 -2.92 8.20 4.78
C ASN B 244 -2.68 9.37 5.71
N ASP B 245 -3.74 10.08 6.07
CA ASP B 245 -3.66 11.13 7.09
C ASP B 245 -3.41 10.58 8.48
N PRO B 246 -2.80 11.39 9.37
CA PRO B 246 -2.70 11.13 10.79
C PRO B 246 -4.07 10.71 11.34
N PRO B 247 -4.08 9.84 12.35
CA PRO B 247 -5.33 9.23 12.83
C PRO B 247 -6.32 10.15 13.58
N TRP B 248 -6.25 11.47 13.37
CA TRP B 248 -7.04 12.38 14.20
C TRP B 248 -8.41 12.80 13.68
N THR B 249 -8.70 12.47 12.42
CA THR B 249 -10.07 12.63 11.90
C THR B 249 -10.55 11.34 11.17
N PRO B 250 -10.59 10.21 11.89
CA PRO B 250 -10.99 8.94 11.26
C PRO B 250 -12.50 8.87 11.08
N THR B 251 -13.20 9.80 11.73
CA THR B 251 -14.65 9.94 11.62
C THR B 251 -15.01 11.39 11.99
N TRP B 252 -16.26 11.77 11.78
CA TRP B 252 -16.73 13.11 12.05
C TRP B 252 -18.13 12.97 12.64
N PRO B 253 -18.33 13.42 13.90
CA PRO B 253 -17.39 14.02 14.86
C PRO B 253 -16.33 13.05 15.35
N VAL B 254 -15.16 13.56 15.70
CA VAL B 254 -14.09 12.74 16.27
C VAL B 254 -14.52 12.11 17.60
N THR B 255 -13.86 11.01 17.96
CA THR B 255 -14.13 10.26 19.18
C THR B 255 -12.94 10.31 20.14
N TYR B 256 -11.87 11.00 19.75
CA TYR B 256 -10.71 11.25 20.61
C TYR B 256 -9.89 12.40 20.08
N THR B 257 -8.83 12.77 20.79
CA THR B 257 -7.92 13.82 20.34
C THR B 257 -6.46 13.37 20.54
N PRO B 258 -5.51 14.01 19.82
CA PRO B 258 -4.10 13.67 19.85
C PRO B 258 -3.47 13.62 21.25
N LYS B 259 -4.04 14.35 22.21
CA LYS B 259 -3.49 14.34 23.57
C LYS B 259 -3.84 13.07 24.36
N ASP B 260 -4.70 12.20 23.81
CA ASP B 260 -5.07 10.96 24.47
C ASP B 260 -4.05 9.83 24.27
N PHE B 261 -3.01 10.09 23.47
CA PHE B 261 -2.05 9.04 23.11
C PHE B 261 -0.63 9.55 23.24
N PRO B 262 0.34 8.63 23.39
CA PRO B 262 1.71 9.14 23.43
C PRO B 262 2.01 9.87 22.14
N SER B 263 2.86 10.90 22.20
CA SER B 263 3.09 11.80 21.08
C SER B 263 3.92 11.19 19.94
N TYR B 264 4.48 10.01 20.17
CA TYR B 264 5.38 9.38 19.19
C TYR B 264 4.66 8.34 18.29
N LEU B 265 3.37 8.11 18.52
CA LEU B 265 2.63 7.18 17.67
C LEU B 265 2.45 7.69 16.22
N ALA B 266 2.08 8.96 16.09
CA ALA B 266 1.64 9.54 14.81
C ALA B 266 1.76 11.06 14.78
N PRO B 267 2.01 11.64 13.59
CA PRO B 267 2.29 13.06 13.56
C PRO B 267 1.04 13.92 13.72
N GLN B 268 1.27 15.23 13.92
CA GLN B 268 0.19 16.21 14.03
C GLN B 268 0.32 17.23 12.92
N THR B 269 0.65 16.74 11.74
CA THR B 269 0.89 17.58 10.58
C THR B 269 -0.41 17.83 9.79
N PRO B 270 -0.42 18.90 8.96
CA PRO B 270 -1.61 19.25 8.18
C PRO B 270 -2.10 18.07 7.35
N HIS B 271 -3.41 17.94 7.20
CA HIS B 271 -4.01 16.86 6.42
C HIS B 271 -4.01 17.19 4.92
N SER B 272 -3.59 16.22 4.11
CA SER B 272 -3.63 16.36 2.68
C SER B 272 -5.05 16.71 2.21
N LEU B 273 -5.15 17.35 1.04
CA LEU B 273 -6.45 17.77 0.49
C LEU B 273 -7.33 16.57 0.11
N ARG B 274 -6.72 15.50 -0.40
CA ARG B 274 -7.42 14.22 -0.57
C ARG B 274 -8.01 13.72 0.76
N ALA B 275 -7.24 13.77 1.83
CA ALA B 275 -7.76 13.34 3.12
C ALA B 275 -8.92 14.22 3.57
N GLN B 276 -8.81 15.53 3.34
CA GLN B 276 -9.91 16.44 3.61
C GLN B 276 -11.13 16.11 2.79
N GLN B 277 -10.94 15.74 1.52
CA GLN B 277 -12.09 15.35 0.67
C GLN B 277 -12.73 14.06 1.18
N SER B 278 -11.90 13.11 1.60
CA SER B 278 -12.41 11.86 2.19
C SER B 278 -13.41 12.12 3.31
N VAL B 279 -13.08 13.04 4.22
CA VAL B 279 -13.93 13.31 5.39
C VAL B 279 -15.28 13.93 4.99
N ARG B 280 -15.25 14.87 4.04
CA ARG B 280 -16.48 15.51 3.57
C ARG B 280 -17.32 14.60 2.69
N LEU B 281 -16.68 13.81 1.84
CA LEU B 281 -17.45 12.97 0.93
C LEU B 281 -18.36 12.04 1.77
N MET B 282 -17.77 11.49 2.85
CA MET B 282 -18.51 10.63 3.76
C MET B 282 -19.52 11.40 4.65
N SER B 283 -19.03 12.39 5.41
CA SER B 283 -19.88 13.08 6.37
C SER B 283 -21.03 13.87 5.78
N GLU B 284 -20.86 14.38 4.58
CA GLU B 284 -21.92 15.18 3.97
C GLU B 284 -23.02 14.37 3.31
N ASN B 285 -22.82 13.06 3.18
CA ASN B 285 -23.80 12.21 2.50
C ASN B 285 -24.46 11.16 3.40
N ASP B 286 -25.79 11.21 3.44
CA ASP B 286 -26.62 10.23 4.13
C ASP B 286 -27.42 9.40 3.15
N ASP B 287 -27.98 8.32 3.66
CA ASP B 287 -28.88 7.48 2.88
C ASP B 287 -28.16 6.90 1.63
N LEU B 288 -26.88 6.58 1.80
CA LEU B 288 -26.04 6.06 0.71
C LEU B 288 -26.54 4.73 0.11
N THR B 289 -26.59 4.68 -1.22
CA THR B 289 -26.70 3.42 -1.92
C THR B 289 -25.27 2.99 -2.27
N LEU B 290 -25.12 1.76 -2.74
CA LEU B 290 -23.84 1.25 -3.22
C LEU B 290 -23.43 2.03 -4.48
N GLU B 291 -24.41 2.35 -5.33
CA GLU B 291 -24.21 3.11 -6.55
C GLU B 291 -23.63 4.48 -6.24
N ARG B 292 -24.22 5.16 -5.25
CA ARG B 292 -23.79 6.51 -4.89
C ARG B 292 -22.42 6.49 -4.23
N PHE B 293 -22.19 5.47 -3.41
CA PHE B 293 -20.91 5.20 -2.75
C PHE B 293 -19.81 5.06 -3.79
N MET B 294 -20.09 4.25 -4.82
CA MET B 294 -19.16 4.09 -5.95
C MET B 294 -18.90 5.42 -6.70
N ALA B 295 -19.95 6.22 -6.91
CA ALA B 295 -19.79 7.50 -7.62
C ALA B 295 -18.91 8.46 -6.82
N LEU B 296 -19.06 8.42 -5.50
CA LEU B 296 -18.25 9.24 -4.62
C LEU B 296 -16.77 8.89 -4.67
N GLN B 297 -16.46 7.61 -4.89
CA GLN B 297 -15.07 7.15 -4.95
C GLN B 297 -14.35 7.76 -6.15
N LEU B 298 -15.11 8.11 -7.20
CA LEU B 298 -14.50 8.67 -8.40
C LEU B 298 -14.07 10.13 -8.25
N SER B 299 -14.42 10.81 -7.14
CA SER B 299 -14.14 12.23 -6.97
C SER B 299 -12.76 12.63 -7.40
N HIS B 300 -12.68 13.70 -8.19
CA HIS B 300 -11.40 14.18 -8.69
C HIS B 300 -11.30 15.70 -8.64
N ARG B 301 -11.77 16.28 -7.54
CA ARG B 301 -11.80 17.72 -7.38
C ARG B 301 -10.40 18.28 -7.23
N ALA B 302 -10.14 19.41 -7.89
CA ALA B 302 -8.89 20.11 -7.77
C ALA B 302 -9.03 21.05 -6.59
N VAL B 303 -9.09 20.47 -5.40
CA VAL B 303 -9.38 21.22 -4.19
C VAL B 303 -8.45 22.40 -4.04
N MET B 304 -7.19 22.26 -4.45
CA MET B 304 -6.25 23.35 -4.25
C MET B 304 -6.59 24.55 -5.12
N ALA B 305 -7.26 24.30 -6.24
CA ALA B 305 -7.72 25.39 -7.07
C ALA B 305 -8.73 26.20 -6.27
N ASP B 306 -9.66 25.51 -5.61
CA ASP B 306 -10.67 26.13 -4.73
C ASP B 306 -10.07 26.97 -3.63
N ARG B 307 -8.91 26.57 -3.13
CA ARG B 307 -8.26 27.28 -2.03
C ARG B 307 -7.41 28.46 -2.51
N THR B 308 -6.99 28.44 -3.76
CA THR B 308 -6.03 29.45 -4.23
C THR B 308 -6.56 30.35 -5.35
N LEU B 309 -7.31 29.78 -6.29
CA LEU B 309 -7.77 30.56 -7.44
C LEU B 309 -8.55 31.84 -7.14
N PRO B 310 -9.40 31.87 -6.09
CA PRO B 310 -10.07 33.15 -5.82
C PRO B 310 -9.14 34.35 -5.53
N ASP B 311 -7.92 34.07 -5.08
CA ASP B 311 -6.94 35.12 -4.83
C ASP B 311 -5.98 35.27 -6.02
N LEU B 312 -5.60 34.15 -6.61
CA LEU B 312 -4.60 34.14 -7.69
C LEU B 312 -5.10 34.91 -8.90
N ILE B 313 -6.33 34.62 -9.33
CA ILE B 313 -6.90 35.12 -10.59
C ILE B 313 -7.00 36.66 -10.67
N PRO B 314 -7.62 37.30 -9.65
CA PRO B 314 -7.72 38.76 -9.70
C PRO B 314 -6.33 39.39 -9.70
N ALA B 315 -5.40 38.79 -8.96
CA ALA B 315 -4.02 39.30 -8.94
C ALA B 315 -3.37 39.21 -10.33
N ALA B 316 -3.63 38.11 -11.03
CA ALA B 316 -3.00 37.85 -12.31
C ALA B 316 -3.58 38.67 -13.47
N LEU B 317 -4.85 39.05 -13.37
CA LEU B 317 -5.48 39.81 -14.44
C LEU B 317 -4.94 41.24 -14.50
N ILE B 318 -4.33 41.67 -13.41
CA ILE B 318 -3.62 42.94 -13.27
C ILE B 318 -2.28 42.97 -14.02
N ASP B 319 -1.63 41.82 -14.17
CA ASP B 319 -0.32 41.74 -14.83
C ASP B 319 -0.41 42.23 -16.26
N PRO B 320 0.58 43.03 -16.73
CA PRO B 320 0.66 43.47 -18.14
C PRO B 320 0.78 42.37 -19.21
N ASP B 321 1.53 41.30 -18.96
CA ASP B 321 1.71 40.22 -19.94
C ASP B 321 0.36 39.58 -20.37
N PRO B 322 -0.01 39.70 -21.66
CA PRO B 322 -1.29 39.16 -22.17
C PRO B 322 -1.41 37.65 -22.02
N GLU B 323 -0.28 36.96 -22.06
CA GLU B 323 -0.25 35.50 -21.86
C GLU B 323 -0.60 35.11 -20.42
N VAL B 324 -0.16 35.92 -19.46
CA VAL B 324 -0.53 35.74 -18.07
C VAL B 324 -2.02 36.01 -17.92
N GLN B 325 -2.48 37.10 -18.51
CA GLN B 325 -3.90 37.44 -18.51
C GLN B 325 -4.77 36.31 -19.07
N ALA B 326 -4.33 35.72 -20.19
CA ALA B 326 -5.07 34.63 -20.83
C ALA B 326 -5.06 33.32 -20.00
N ALA B 327 -3.96 33.12 -19.26
CA ALA B 327 -3.83 31.99 -18.37
C ALA B 327 -4.87 32.12 -17.23
N ALA B 328 -4.89 33.28 -16.59
CA ALA B 328 -5.91 33.61 -15.60
C ALA B 328 -7.36 33.40 -16.09
N ARG B 329 -7.65 33.77 -17.33
CA ARG B 329 -8.99 33.61 -17.87
C ARG B 329 -9.33 32.15 -18.12
N LEU B 330 -8.36 31.40 -18.66
CA LEU B 330 -8.49 29.97 -18.85
C LEU B 330 -8.77 29.28 -17.49
N LEU B 331 -7.92 29.59 -16.51
CA LEU B 331 -8.06 29.07 -15.14
C LEU B 331 -9.41 29.41 -14.49
N ALA B 332 -9.90 30.62 -14.73
CA ALA B 332 -11.16 31.05 -14.11
C ALA B 332 -12.38 30.37 -14.72
N ALA B 333 -12.26 29.92 -15.96
CA ALA B 333 -13.43 29.31 -16.61
C ALA B 333 -13.53 27.82 -16.27
N TRP B 334 -12.54 27.32 -15.53
CA TRP B 334 -12.39 25.91 -15.25
C TRP B 334 -13.33 25.51 -14.13
N ASP B 335 -13.99 24.36 -14.27
CA ASP B 335 -14.90 23.87 -13.23
C ASP B 335 -14.15 23.22 -12.07
N ARG B 336 -12.83 23.09 -12.21
CA ARG B 336 -11.90 22.68 -11.16
C ARG B 336 -11.99 21.19 -10.87
N GLU B 337 -12.38 20.44 -11.89
CA GLU B 337 -12.39 18.99 -11.85
C GLU B 337 -11.26 18.49 -12.74
N PHE B 338 -10.65 17.36 -12.37
CA PHE B 338 -9.60 16.78 -13.20
C PHE B 338 -10.19 15.86 -14.27
N THR B 339 -11.02 16.41 -15.16
CA THR B 339 -11.61 15.65 -16.27
C THR B 339 -10.66 15.51 -17.46
N SER B 340 -10.89 14.49 -18.29
CA SER B 340 -10.10 14.28 -19.51
C SER B 340 -10.07 15.52 -20.43
N ASP B 341 -11.20 16.21 -20.49
CA ASP B 341 -11.41 17.31 -21.40
C ASP B 341 -11.05 18.70 -20.84
N SER B 342 -10.40 18.74 -19.69
CA SER B 342 -9.99 19.99 -19.06
C SER B 342 -8.82 20.64 -19.79
N ARG B 343 -8.96 21.93 -20.10
CA ARG B 343 -7.92 22.65 -20.81
C ARG B 343 -7.07 23.47 -19.85
N ALA B 344 -7.57 23.63 -18.63
CA ALA B 344 -6.85 24.37 -17.59
C ALA B 344 -6.04 23.51 -16.61
N ALA B 345 -6.32 22.21 -16.56
CA ALA B 345 -5.80 21.34 -15.48
C ALA B 345 -4.28 21.20 -15.45
N LEU B 346 -3.69 20.81 -16.58
CA LEU B 346 -2.24 20.69 -16.66
C LEU B 346 -1.60 22.00 -16.24
N LEU B 347 -2.10 23.11 -16.81
CA LEU B 347 -1.57 24.41 -16.44
C LEU B 347 -1.67 24.64 -14.93
N PHE B 348 -2.80 24.28 -14.33
CA PHE B 348 -2.92 24.49 -12.89
C PHE B 348 -1.91 23.64 -12.11
N GLU B 349 -1.75 22.37 -12.48
CA GLU B 349 -0.70 21.52 -11.88
C GLU B 349 0.67 22.23 -11.80
N GLU B 350 1.08 22.85 -12.91
CA GLU B 350 2.40 23.43 -13.04
C GLU B 350 2.58 24.63 -12.15
N TRP B 351 1.50 25.37 -11.94
CA TRP B 351 1.57 26.50 -11.02
C TRP B 351 1.67 25.96 -9.59
N ALA B 352 0.86 24.93 -9.29
CA ALA B 352 0.86 24.26 -7.98
C ALA B 352 2.21 23.63 -7.60
N ARG B 353 2.95 23.14 -8.58
CA ARG B 353 4.29 22.58 -8.34
C ARG B 353 5.21 23.69 -7.86
N LEU B 354 4.97 24.92 -8.33
CA LEU B 354 5.78 26.03 -7.88
C LEU B 354 5.22 26.57 -6.57
N PHE B 355 3.89 26.64 -6.47
CA PHE B 355 3.26 27.23 -5.31
C PHE B 355 3.41 26.35 -4.05
N ALA B 356 3.42 25.02 -4.22
CA ALA B 356 3.48 24.10 -3.08
C ALA B 356 4.57 23.02 -3.18
N GLY B 357 5.58 23.24 -4.02
CA GLY B 357 6.65 22.27 -4.20
C GLY B 357 6.21 21.11 -5.07
N GLN B 358 7.19 20.30 -5.50
CA GLN B 358 7.00 19.27 -6.54
C GLN B 358 6.01 18.17 -6.16
N ASN B 359 5.83 17.94 -4.87
CA ASN B 359 4.88 16.93 -4.37
C ASN B 359 3.56 17.55 -3.90
N PHE B 360 3.42 18.87 -4.05
CA PHE B 360 2.17 19.59 -3.79
C PHE B 360 1.79 19.64 -2.31
N ALA B 361 2.77 19.45 -1.43
CA ALA B 361 2.49 19.29 -0.02
C ALA B 361 2.91 20.49 0.84
N GLY B 362 3.79 21.34 0.29
CA GLY B 362 4.24 22.57 0.95
C GLY B 362 3.10 23.47 1.41
N GLN B 363 3.31 24.18 2.50
CA GLN B 363 2.25 24.97 3.15
C GLN B 363 2.50 26.48 3.14
N ALA B 364 3.76 26.86 2.91
CA ALA B 364 4.22 28.26 3.08
C ALA B 364 3.47 29.28 2.23
N GLY B 365 2.90 28.84 1.10
CA GLY B 365 2.25 29.76 0.18
C GLY B 365 0.86 30.23 0.58
N PHE B 366 0.27 29.59 1.58
CA PHE B 366 -1.10 29.87 1.94
C PHE B 366 -1.21 31.02 2.93
N ALA B 367 -2.29 31.81 2.81
CA ALA B 367 -2.50 32.95 3.68
C ALA B 367 -2.94 32.50 5.07
N THR B 368 -3.80 31.48 5.11
CA THR B 368 -4.33 30.92 6.35
C THR B 368 -3.79 29.50 6.46
N PRO B 369 -3.03 29.21 7.53
CA PRO B 369 -2.45 27.86 7.70
C PRO B 369 -3.49 26.80 8.09
N TRP B 370 -3.18 25.53 7.82
CA TRP B 370 -4.03 24.40 8.25
C TRP B 370 -4.19 24.46 9.77
N SER B 371 -5.41 24.20 10.20
CA SER B 371 -5.74 24.27 11.62
C SER B 371 -6.63 23.09 12.03
N LEU B 372 -6.22 22.46 13.14
CA LEU B 372 -6.95 21.34 13.77
C LEU B 372 -8.44 21.68 13.96
N ASP B 373 -8.77 22.96 14.03
CA ASP B 373 -10.15 23.40 14.32
C ASP B 373 -11.06 23.57 13.12
N LYS B 374 -10.45 23.91 11.97
CA LYS B 374 -11.13 23.85 10.70
C LYS B 374 -10.36 22.86 9.82
N PRO B 375 -10.45 21.56 10.16
CA PRO B 375 -9.51 20.57 9.62
C PRO B 375 -9.83 20.09 8.19
N VAL B 376 -10.98 20.46 7.66
CA VAL B 376 -11.28 20.19 6.24
C VAL B 376 -11.52 21.44 5.39
N SER B 377 -11.04 22.60 5.84
CA SER B 377 -11.29 23.85 5.10
C SER B 377 -10.11 24.79 5.17
N THR B 378 -9.03 24.31 5.77
CA THR B 378 -7.76 24.99 5.79
C THR B 378 -6.76 24.00 5.19
N PRO B 379 -5.60 24.48 4.70
CA PRO B 379 -5.13 25.88 4.65
C PRO B 379 -5.90 26.59 3.56
N TYR B 380 -5.95 27.92 3.63
CA TYR B 380 -6.69 28.69 2.63
C TYR B 380 -5.94 29.91 2.11
N GLY B 381 -6.18 30.23 0.84
CA GLY B 381 -5.86 31.55 0.32
C GLY B 381 -4.42 31.68 -0.07
N VAL B 382 -4.09 32.76 -0.77
CA VAL B 382 -2.71 32.98 -1.23
C VAL B 382 -2.08 34.11 -0.41
N ARG B 383 -0.98 33.78 0.28
CA ARG B 383 -0.26 34.72 1.17
C ARG B 383 0.37 35.93 0.44
N ASP B 384 0.96 35.68 -0.73
CA ASP B 384 1.65 36.70 -1.50
C ASP B 384 1.23 36.67 -2.98
N PRO B 385 0.11 37.35 -3.30
CA PRO B 385 -0.43 37.29 -4.66
C PRO B 385 0.56 37.67 -5.77
N LYS B 386 1.28 38.78 -5.59
CA LYS B 386 2.35 39.21 -6.52
C LYS B 386 3.37 38.09 -6.82
N ALA B 387 3.87 37.45 -5.77
CA ALA B 387 4.85 36.34 -5.88
C ALA B 387 4.27 35.14 -6.61
N ALA B 388 3.01 34.82 -6.30
CA ALA B 388 2.27 33.73 -6.92
C ALA B 388 2.02 33.95 -8.41
N VAL B 389 1.79 35.20 -8.79
CA VAL B 389 1.60 35.55 -10.19
C VAL B 389 2.91 35.30 -10.94
N ASP B 390 4.04 35.68 -10.32
CA ASP B 390 5.36 35.36 -10.89
C ASP B 390 5.53 33.86 -11.07
N GLN B 391 5.09 33.10 -10.07
CA GLN B 391 4.99 31.64 -10.18
C GLN B 391 4.10 31.20 -11.37
N LEU B 392 3.01 31.92 -11.61
CA LEU B 392 2.15 31.60 -12.77
C LEU B 392 2.91 31.89 -14.08
N ARG B 393 3.72 32.94 -14.06
CA ARG B 393 4.53 33.33 -15.20
C ARG B 393 5.48 32.18 -15.61
N THR B 394 6.23 31.66 -14.64
CA THR B 394 7.14 30.53 -14.85
C THR B 394 6.36 29.27 -15.24
N ALA B 395 5.18 29.09 -14.63
CA ALA B 395 4.32 27.93 -14.91
C ALA B 395 3.79 27.92 -16.33
N ILE B 396 3.48 29.10 -16.88
CA ILE B 396 3.08 29.20 -18.29
C ILE B 396 4.21 28.65 -19.18
N ALA B 397 5.43 29.10 -18.93
CA ALA B 397 6.60 28.54 -19.58
C ALA B 397 6.64 27.01 -19.44
N ASN B 398 6.67 26.51 -18.20
CA ASN B 398 6.81 25.07 -17.96
C ASN B 398 5.73 24.24 -18.66
N THR B 399 4.48 24.70 -18.63
CA THR B 399 3.37 24.02 -19.30
C THR B 399 3.59 23.91 -20.80
N LYS B 400 4.06 25.02 -21.41
CA LYS B 400 4.29 25.05 -22.86
C LYS B 400 5.44 24.13 -23.25
N ARG B 401 6.55 24.24 -22.53
CA ARG B 401 7.68 23.36 -22.74
C ARG B 401 7.31 21.88 -22.58
N LYS B 402 6.68 21.51 -21.46
CA LYS B 402 6.30 20.11 -21.23
C LYS B 402 5.28 19.58 -22.22
N TYR B 403 4.21 20.35 -22.45
CA TYR B 403 3.03 19.82 -23.14
C TYR B 403 2.72 20.40 -24.52
N GLY B 404 3.37 21.51 -24.86
CA GLY B 404 3.21 22.14 -26.17
C GLY B 404 2.22 23.30 -26.26
N ALA B 405 1.45 23.53 -25.21
CA ALA B 405 0.45 24.59 -25.17
C ALA B 405 0.04 24.80 -23.72
N ILE B 406 -0.56 25.94 -23.40
CA ILE B 406 -1.10 26.16 -22.08
C ILE B 406 -2.48 25.54 -21.92
N ASP B 407 -3.06 25.06 -23.03
CA ASP B 407 -4.43 24.60 -23.02
C ASP B 407 -4.70 23.24 -23.69
N ARG B 408 -3.72 22.34 -23.59
CA ARG B 408 -3.89 20.96 -24.07
C ARG B 408 -4.89 20.16 -23.18
N PRO B 409 -5.81 19.38 -23.79
CA PRO B 409 -6.73 18.63 -22.93
C PRO B 409 -5.99 17.67 -21.99
N PHE B 410 -6.39 17.68 -20.72
CA PHE B 410 -5.87 16.82 -19.67
C PHE B 410 -5.66 15.38 -20.12
N GLY B 411 -6.72 14.79 -20.67
CA GLY B 411 -6.71 13.41 -21.11
C GLY B 411 -6.11 13.14 -22.48
N ASP B 412 -5.54 14.17 -23.10
CA ASP B 412 -4.74 13.97 -24.32
C ASP B 412 -3.28 13.79 -23.91
N ALA B 413 -2.82 14.60 -22.95
CA ALA B 413 -1.51 14.39 -22.34
C ALA B 413 -1.52 13.19 -21.39
N SER B 414 -2.58 13.07 -20.59
CA SER B 414 -2.65 12.01 -19.58
C SER B 414 -3.26 10.71 -20.13
N ARG B 415 -2.40 9.72 -20.37
CA ARG B 415 -2.86 8.46 -20.95
C ARG B 415 -2.56 7.28 -20.04
N MET B 416 -3.42 6.27 -20.10
CA MET B 416 -3.16 5.00 -19.45
C MET B 416 -2.85 4.04 -20.58
N ILE B 417 -1.62 3.58 -20.61
CA ILE B 417 -1.13 2.77 -21.72
C ILE B 417 -0.55 1.46 -21.19
N LEU B 418 -1.23 0.34 -21.48
CA LEU B 418 -0.67 -0.98 -21.17
C LEU B 418 -0.70 -1.85 -22.42
N ASN B 419 0.44 -2.47 -22.75
CA ASN B 419 0.62 -3.13 -24.05
C ASN B 419 0.11 -2.13 -25.10
N ASP B 420 -0.80 -2.59 -25.97
CA ASP B 420 -1.25 -1.78 -27.10
C ASP B 420 -2.59 -1.08 -26.85
N VAL B 421 -3.01 -1.07 -25.59
CA VAL B 421 -4.23 -0.39 -25.16
C VAL B 421 -3.88 1.01 -24.71
N ASN B 422 -4.53 1.98 -25.33
CA ASN B 422 -4.25 3.40 -25.07
C ASN B 422 -5.55 4.17 -24.87
N VAL B 423 -5.78 4.61 -23.62
CA VAL B 423 -7.03 5.22 -23.23
C VAL B 423 -6.85 6.56 -22.49
N PRO B 424 -7.85 7.46 -22.60
CA PRO B 424 -7.75 8.78 -21.97
C PRO B 424 -7.73 8.76 -20.45
N GLY B 425 -6.82 9.52 -19.85
CA GLY B 425 -6.76 9.63 -18.39
C GLY B 425 -7.74 10.66 -17.85
N ALA B 426 -8.06 10.51 -16.57
CA ALA B 426 -8.83 11.48 -15.76
C ALA B 426 -8.42 11.26 -14.30
N ALA B 427 -8.81 12.18 -13.42
CA ALA B 427 -8.30 12.25 -12.03
C ALA B 427 -6.82 12.60 -12.03
N GLY B 428 -6.22 12.64 -10.84
CA GLY B 428 -4.86 13.13 -10.73
C GLY B 428 -4.31 13.05 -9.35
N TYR B 429 -3.52 14.06 -8.98
CA TYR B 429 -2.72 13.97 -7.77
C TYR B 429 -3.53 14.12 -6.49
N GLY B 430 -3.31 13.18 -5.57
CA GLY B 430 -3.96 13.21 -4.27
C GLY B 430 -3.74 14.52 -3.55
N ASN B 431 -2.51 15.02 -3.56
CA ASN B 431 -2.22 16.26 -2.87
C ASN B 431 -2.85 17.54 -3.44
N LEU B 432 -3.46 17.47 -4.62
CA LEU B 432 -4.22 18.60 -5.13
C LEU B 432 -5.69 18.48 -4.72
N GLY B 433 -6.05 17.32 -4.19
CA GLY B 433 -7.40 17.09 -3.65
C GLY B 433 -8.16 15.98 -4.34
N SER B 434 -7.53 15.36 -5.32
CA SER B 434 -8.19 14.30 -6.07
C SER B 434 -8.28 13.06 -5.17
N PHE B 435 -9.49 12.53 -5.00
CA PHE B 435 -9.67 11.40 -4.13
C PHE B 435 -9.21 10.11 -4.83
N ARG B 436 -9.86 9.79 -5.95
CA ARG B 436 -9.34 8.82 -6.89
C ARG B 436 -7.97 9.32 -7.37
N VAL B 437 -6.92 8.49 -7.29
CA VAL B 437 -5.56 8.99 -7.50
C VAL B 437 -4.86 8.36 -8.69
N PHE B 438 -4.22 9.21 -9.49
CA PHE B 438 -3.31 8.77 -10.52
C PHE B 438 -2.12 9.70 -10.47
N THR B 439 -0.99 9.17 -10.01
CA THR B 439 0.21 9.97 -9.89
C THR B 439 0.93 9.93 -11.22
N TRP B 440 0.65 10.94 -12.04
CA TRP B 440 1.13 11.00 -13.42
C TRP B 440 2.62 11.15 -13.49
N SER B 441 3.25 10.43 -14.42
CA SER B 441 4.67 10.57 -14.68
C SER B 441 5.03 11.97 -15.21
N ASP B 442 6.33 12.27 -15.20
CA ASP B 442 6.81 13.37 -16.01
C ASP B 442 6.48 12.97 -17.45
N PRO B 443 6.13 13.95 -18.31
CA PRO B 443 5.73 13.65 -19.68
C PRO B 443 6.93 13.24 -20.53
N ASP B 444 6.69 12.46 -21.58
CA ASP B 444 7.74 12.15 -22.57
C ASP B 444 7.89 13.32 -23.58
N GLU B 445 8.80 13.20 -24.54
CA GLU B 445 9.08 14.34 -25.44
C GLU B 445 7.84 14.80 -26.26
N ASN B 446 6.79 13.97 -26.28
CA ASN B 446 5.54 14.36 -26.92
C ASN B 446 4.47 14.85 -25.94
N GLY B 447 4.90 15.12 -24.71
CA GLY B 447 4.00 15.53 -23.63
C GLY B 447 2.99 14.49 -23.13
N VAL B 448 3.15 13.23 -23.51
CA VAL B 448 2.32 12.13 -22.98
C VAL B 448 2.88 11.60 -21.66
N ARG B 449 2.01 11.45 -20.68
CA ARG B 449 2.39 10.92 -19.38
C ARG B 449 1.46 9.77 -19.02
N THR B 450 1.92 8.94 -18.08
CA THR B 450 1.15 7.75 -17.62
C THR B 450 1.26 7.64 -16.10
N PRO B 451 0.32 6.92 -15.45
CA PRO B 451 0.38 6.79 -13.99
C PRO B 451 1.57 5.96 -13.53
N VAL B 452 2.33 6.44 -12.56
CA VAL B 452 3.41 5.63 -11.97
C VAL B 452 2.94 4.87 -10.74
N HIS B 453 1.81 5.32 -10.19
CA HIS B 453 1.33 5.00 -8.86
C HIS B 453 -0.10 5.52 -8.77
N GLY B 454 -0.98 4.83 -8.06
CA GLY B 454 -2.37 5.29 -7.91
C GLY B 454 -3.36 4.14 -7.86
N GLU B 455 -4.62 4.36 -8.25
CA GLU B 455 -5.62 3.29 -8.27
C GLU B 455 -5.01 1.98 -8.77
N THR B 456 -5.07 0.96 -7.93
CA THR B 456 -4.62 -0.36 -8.33
C THR B 456 -5.77 -1.33 -8.20
N TRP B 457 -5.91 -1.92 -7.01
CA TRP B 457 -7.11 -2.65 -6.69
C TRP B 457 -8.11 -1.66 -6.11
N VAL B 458 -9.29 -1.64 -6.70
CA VAL B 458 -10.41 -0.84 -6.22
C VAL B 458 -11.61 -1.77 -6.13
N ALA B 459 -12.12 -1.96 -4.93
CA ALA B 459 -13.37 -2.71 -4.74
C ALA B 459 -14.27 -2.00 -3.76
N MET B 460 -15.58 -2.08 -4.02
CA MET B 460 -16.59 -1.52 -3.16
C MET B 460 -17.63 -2.61 -2.88
N ILE B 461 -17.91 -2.84 -1.59
CA ILE B 461 -18.70 -3.98 -1.15
C ILE B 461 -19.89 -3.53 -0.25
N GLU B 462 -21.08 -4.06 -0.52
CA GLU B 462 -22.20 -3.88 0.38
C GLU B 462 -22.52 -5.21 1.04
N PHE B 463 -22.52 -5.23 2.37
CA PHE B 463 -22.80 -6.46 3.08
C PHE B 463 -24.29 -6.72 3.23
N SER B 464 -24.99 -6.73 2.10
CA SER B 464 -26.36 -7.21 2.02
C SER B 464 -26.32 -8.73 2.08
N THR B 465 -27.47 -9.39 1.97
CA THR B 465 -27.51 -10.85 1.95
C THR B 465 -28.23 -11.34 0.70
N PRO B 466 -27.49 -11.87 -0.30
CA PRO B 466 -26.03 -12.04 -0.37
C PRO B 466 -25.31 -10.70 -0.60
N VAL B 467 -24.00 -10.67 -0.40
CA VAL B 467 -23.22 -9.46 -0.64
C VAL B 467 -23.20 -9.05 -2.13
N ARG B 468 -22.94 -7.76 -2.36
CA ARG B 468 -22.82 -7.18 -3.69
C ARG B 468 -21.49 -6.47 -3.72
N ALA B 469 -20.65 -6.81 -4.69
CA ALA B 469 -19.35 -6.18 -4.75
C ALA B 469 -18.91 -5.89 -6.19
N TYR B 470 -18.18 -4.79 -6.35
CA TYR B 470 -17.70 -4.36 -7.65
C TYR B 470 -16.25 -3.97 -7.49
N GLY B 471 -15.41 -4.36 -8.45
CA GLY B 471 -13.99 -4.04 -8.38
C GLY B 471 -13.35 -3.86 -9.75
N LEU B 472 -12.13 -3.31 -9.76
CA LEU B 472 -11.26 -3.30 -10.93
C LEU B 472 -9.85 -3.40 -10.45
N MET B 473 -8.99 -3.95 -11.31
CA MET B 473 -7.54 -3.95 -11.11
C MET B 473 -6.90 -3.23 -12.31
N SER B 474 -6.23 -2.10 -12.06
CA SER B 474 -5.70 -1.26 -13.13
C SER B 474 -4.88 -2.01 -14.15
N TYR B 475 -3.89 -2.74 -13.66
CA TYR B 475 -2.89 -3.40 -14.47
C TYR B 475 -3.18 -4.90 -14.62
N GLY B 476 -4.45 -5.26 -14.55
CA GLY B 476 -4.86 -6.65 -14.79
C GLY B 476 -4.41 -7.62 -13.70
N ASN B 477 -4.74 -8.89 -13.93
CA ASN B 477 -4.45 -9.91 -12.94
C ASN B 477 -3.22 -10.78 -13.19
N SER B 478 -2.38 -10.37 -14.14
CA SER B 478 -1.18 -11.13 -14.52
C SER B 478 -0.19 -10.23 -15.22
N ARG B 479 1.08 -10.59 -15.11
CA ARG B 479 2.19 -9.80 -15.61
C ARG B 479 3.25 -10.72 -16.21
N GLN B 480 2.84 -11.93 -16.54
CA GLN B 480 3.72 -12.89 -17.21
C GLN B 480 3.81 -12.50 -18.68
N PRO B 481 5.02 -12.54 -19.23
CA PRO B 481 5.23 -12.39 -20.67
C PRO B 481 4.10 -13.03 -21.45
N GLY B 482 3.42 -12.24 -22.28
CA GLY B 482 2.41 -12.78 -23.19
C GLY B 482 1.00 -13.01 -22.65
N THR B 483 0.77 -12.71 -21.37
CA THR B 483 -0.59 -12.85 -20.86
C THR B 483 -1.57 -11.87 -21.53
N THR B 484 -2.80 -12.33 -21.75
CA THR B 484 -3.89 -11.47 -22.20
C THR B 484 -4.54 -10.79 -21.00
N HIS B 485 -3.98 -10.99 -19.81
CA HIS B 485 -4.62 -10.49 -18.60
C HIS B 485 -3.84 -9.40 -17.87
N TYR B 486 -3.18 -8.56 -18.67
CA TYR B 486 -2.44 -7.41 -18.19
C TYR B 486 -3.16 -6.10 -18.57
N SER B 487 -3.47 -5.95 -19.85
CA SER B 487 -4.05 -4.72 -20.39
C SER B 487 -5.57 -4.81 -20.58
N ASP B 488 -6.16 -5.90 -20.06
CA ASP B 488 -7.56 -6.21 -20.35
C ASP B 488 -8.54 -5.56 -19.35
N GLN B 489 -8.04 -4.65 -18.50
CA GLN B 489 -8.92 -3.94 -17.56
C GLN B 489 -8.87 -2.41 -17.63
N ILE B 490 -7.77 -1.89 -18.16
CA ILE B 490 -7.53 -0.44 -18.13
C ILE B 490 -8.54 0.44 -18.90
N GLU B 491 -9.05 -0.07 -20.02
CA GLU B 491 -10.10 0.60 -20.78
C GLU B 491 -11.35 0.76 -19.87
N ARG B 492 -11.72 -0.32 -19.19
CA ARG B 492 -12.81 -0.27 -18.21
C ARG B 492 -12.54 0.75 -17.11
N VAL B 493 -11.28 0.81 -16.67
CA VAL B 493 -10.86 1.79 -15.67
C VAL B 493 -11.10 3.21 -16.20
N SER B 494 -10.71 3.49 -17.45
CA SER B 494 -10.94 4.80 -18.07
C SER B 494 -12.44 5.19 -18.15
N ARG B 495 -13.32 4.21 -18.17
CA ARG B 495 -14.75 4.50 -18.14
C ARG B 495 -15.38 4.32 -16.76
N ALA B 496 -14.57 3.97 -15.74
CA ALA B 496 -15.07 3.63 -14.40
C ALA B 496 -16.15 2.55 -14.48
N ASP B 497 -15.88 1.53 -15.28
CA ASP B 497 -16.87 0.49 -15.56
C ASP B 497 -16.49 -0.79 -14.80
N PHE B 498 -16.89 -0.84 -13.53
CA PHE B 498 -16.43 -1.87 -12.58
C PHE B 498 -17.05 -3.23 -12.83
N ARG B 499 -16.25 -4.29 -12.67
CA ARG B 499 -16.74 -5.68 -12.74
C ARG B 499 -17.56 -6.04 -11.50
N GLU B 500 -18.64 -6.77 -11.67
CA GLU B 500 -19.25 -7.42 -10.51
C GLU B 500 -18.33 -8.55 -10.06
N LEU B 501 -17.96 -8.50 -8.78
CA LEU B 501 -17.08 -9.51 -8.22
C LEU B 501 -17.94 -10.71 -7.90
N LEU B 502 -17.54 -11.86 -8.43
CA LEU B 502 -18.39 -13.07 -8.37
C LEU B 502 -17.97 -14.02 -7.23
N LEU B 503 -18.84 -14.12 -6.22
CA LEU B 503 -18.58 -14.91 -5.02
C LEU B 503 -19.36 -16.23 -4.97
N ARG B 504 -20.64 -16.19 -5.34
CA ARG B 504 -21.52 -17.35 -5.27
C ARG B 504 -21.15 -18.34 -6.37
N ARG B 505 -21.22 -19.62 -6.05
CA ARG B 505 -20.81 -20.70 -6.95
C ARG B 505 -21.52 -20.72 -8.31
N GLU B 506 -22.82 -20.45 -8.31
CA GLU B 506 -23.57 -20.40 -9.58
C GLU B 506 -23.10 -19.29 -10.54
N GLN B 507 -22.69 -18.15 -9.98
CA GLN B 507 -22.14 -17.03 -10.77
C GLN B 507 -20.79 -17.40 -11.34
N VAL B 508 -19.98 -18.08 -10.53
CA VAL B 508 -18.65 -18.52 -10.94
C VAL B 508 -18.72 -19.52 -12.10
N GLU B 509 -19.67 -20.45 -11.99
CA GLU B 509 -19.89 -21.42 -13.06
C GLU B 509 -20.35 -20.78 -14.38
N ALA B 510 -21.17 -19.74 -14.30
CA ALA B 510 -21.62 -19.05 -15.50
C ALA B 510 -20.45 -18.31 -16.19
N ALA B 511 -19.45 -17.89 -15.43
CA ALA B 511 -18.38 -17.06 -15.96
C ALA B 511 -17.08 -17.81 -16.26
N VAL B 512 -17.02 -19.10 -15.94
CA VAL B 512 -15.75 -19.85 -16.11
C VAL B 512 -15.31 -19.94 -17.57
N GLN B 513 -14.03 -19.70 -17.81
CA GLN B 513 -13.39 -19.85 -19.12
C GLN B 513 -12.22 -20.86 -19.09
N GLU B 514 -11.73 -21.19 -17.89
CA GLU B 514 -10.76 -22.27 -17.73
C GLU B 514 -10.94 -23.03 -16.41
N ARG B 515 -11.02 -24.36 -16.50
CA ARG B 515 -11.02 -25.24 -15.33
C ARG B 515 -9.67 -25.94 -15.19
N THR B 516 -8.99 -25.70 -14.07
CA THR B 516 -7.78 -26.45 -13.70
C THR B 516 -8.07 -27.37 -12.51
N PRO B 517 -8.29 -28.67 -12.77
CA PRO B 517 -8.42 -29.52 -11.59
C PRO B 517 -7.00 -29.74 -11.11
N PHE B 518 -6.85 -29.84 -9.80
CA PHE B 518 -5.54 -30.07 -9.24
C PHE B 518 -5.78 -31.07 -8.15
N ASN B 519 -4.72 -31.75 -7.72
CA ASN B 519 -4.87 -32.62 -6.58
C ASN B 519 -3.59 -32.54 -5.75
N PHE B 520 -3.77 -32.28 -4.46
CA PHE B 520 -2.63 -32.12 -3.58
C PHE B 520 -2.60 -33.20 -2.49
N LYS B 521 -1.46 -33.87 -2.38
CA LYS B 521 -1.20 -34.81 -1.29
C LYS B 521 0.21 -34.52 -0.76
N PRO B 522 0.36 -34.33 0.58
CA PRO B 522 1.63 -33.92 1.24
C PRO B 522 2.86 -34.86 1.06
C1 GOL C . 0.13 -1.52 1.25
O1 GOL C . -0.65 -2.69 1.20
C2 GOL C . -0.68 -0.45 1.95
O2 GOL C . -1.65 -1.09 2.74
C3 GOL C . -1.34 0.44 0.88
O3 GOL C . -1.23 1.81 1.24
#